data_1ZBU
#
_entry.id   1ZBU
#
_cell.length_a   215.843
_cell.length_b   215.843
_cell.length_c   114.468
_cell.angle_alpha   90.00
_cell.angle_beta   90.00
_cell.angle_gamma   120.00
#
_symmetry.space_group_name_H-M   'P 31 2 1'
#
loop_
_entity.id
_entity.type
_entity.pdbx_description
1 polymer "3'-5' exonuclease ERI1"
2 non-polymer 'MAGNESIUM ION'
3 non-polymer 'ADENOSINE MONOPHOSPHATE'
4 water water
#
_entity_poly.entity_id   1
_entity_poly.type   'polypeptide(L)'
_entity_poly.pdbx_seq_one_letter_code
;(MSE)EDPQSKEPAGEAVALALLESPRPEGGEEPPRPSPEETQQCKFDGQETKGSKFITSSASDFSDPVYKEIAITNGCI
NR(MSE)SKEELRAKLSEFKLETRGVKDVLKKRLKNYYKKQKL(MSE)LKESNFADSYYDYICIIDFEATCEEGNPPEFV
HEIIEFPVVLLNTHTLEIEDTFQQYVRPEINTQLSDFCISLTGITQDQVDRADTFPQVLKKVIDL(MSE)KLKELGTKYK
YSLLTDGSWD(MSE)SKFLNIQCQLSRLKYPPFAKKWINIRKSYGNFYKVPRSQTKLTI(MSE)LEKLG(MSE)DYDGRP
HCGLDDSKNIARIAVR(MSE)LQDGCELRINEK(MSE)HAGQL(MSE)SVSSSLPIEGTPPPQ(MSE)PHFRK
;
_entity_poly.pdbx_strand_id   A,B,C,D
#
# COMPACT_ATOMS: atom_id res chain seq x y z
N SER A 125 -22.13 -33.81 6.67
CA SER A 125 -22.06 -32.36 6.26
C SER A 125 -20.71 -31.95 5.63
N TYR A 126 -20.68 -30.75 5.04
CA TYR A 126 -19.63 -30.40 4.11
C TYR A 126 -18.32 -29.97 4.75
N TYR A 127 -17.23 -30.05 3.99
CA TYR A 127 -15.94 -29.52 4.40
C TYR A 127 -16.12 -28.07 4.82
N ASP A 128 -15.45 -27.67 5.89
CA ASP A 128 -15.34 -26.26 6.25
C ASP A 128 -14.25 -25.57 5.45
N TYR A 129 -13.19 -26.29 5.14
CA TYR A 129 -12.09 -25.71 4.37
C TYR A 129 -11.65 -26.57 3.24
N ILE A 130 -11.40 -25.93 2.10
CA ILE A 130 -10.70 -26.59 1.04
C ILE A 130 -9.29 -26.05 1.00
N CYS A 131 -8.34 -26.99 1.04
CA CYS A 131 -6.96 -26.61 1.07
C CYS A 131 -6.32 -26.90 -0.31
N ILE A 132 -6.08 -25.84 -1.07
CA ILE A 132 -5.60 -25.92 -2.46
C ILE A 132 -4.08 -25.92 -2.50
N ILE A 133 -3.51 -26.94 -3.12
CA ILE A 133 -2.07 -27.03 -3.24
C ILE A 133 -1.74 -27.21 -4.72
N ASP A 134 -0.82 -26.40 -5.23
CA ASP A 134 -0.37 -26.53 -6.59
C ASP A 134 1.14 -26.28 -6.67
N PHE A 135 1.93 -27.34 -6.85
CA PHE A 135 3.39 -27.25 -6.85
C PHE A 135 4.00 -26.68 -8.12
N GLU A 136 5.22 -26.20 -8.01
CA GLU A 136 6.09 -26.00 -9.15
C GLU A 136 7.26 -26.93 -8.93
N ALA A 137 7.86 -27.37 -10.03
CA ALA A 137 8.89 -28.40 -9.97
C ALA A 137 10.00 -28.13 -10.98
N THR A 138 11.19 -28.67 -10.72
CA THR A 138 12.22 -28.63 -11.73
C THR A 138 11.71 -29.28 -13.03
N CYS A 139 12.26 -28.87 -14.16
CA CYS A 139 11.86 -29.43 -15.45
C CYS A 139 12.90 -29.10 -16.51
N GLU A 140 12.86 -29.83 -17.61
CA GLU A 140 13.68 -29.52 -18.80
C GLU A 140 12.75 -29.18 -19.95
N GLU A 141 13.32 -28.53 -20.95
CA GLU A 141 12.57 -28.28 -22.16
C GLU A 141 12.34 -29.57 -22.95
N GLY A 142 11.19 -29.67 -23.58
CA GLY A 142 10.84 -30.84 -24.36
C GLY A 142 10.22 -31.89 -23.46
N ASN A 143 10.20 -31.59 -22.16
CA ASN A 143 9.65 -32.48 -21.15
C ASN A 143 10.19 -33.92 -21.30
N PRO A 144 11.50 -34.15 -21.04
CA PRO A 144 12.14 -35.44 -21.29
C PRO A 144 11.57 -36.52 -20.37
N PRO A 145 11.20 -37.69 -20.92
CA PRO A 145 10.42 -38.64 -20.13
C PRO A 145 11.08 -39.18 -18.87
N GLU A 146 12.41 -39.23 -18.80
CA GLU A 146 13.04 -39.82 -17.62
C GLU A 146 13.69 -38.82 -16.64
N PHE A 147 13.26 -37.57 -16.69
CA PHE A 147 13.86 -36.53 -15.87
C PHE A 147 13.23 -36.57 -14.48
N VAL A 148 14.04 -36.48 -13.43
CA VAL A 148 13.52 -36.59 -12.08
C VAL A 148 13.12 -35.23 -11.53
N HIS A 149 11.80 -35.01 -11.41
CA HIS A 149 11.24 -33.74 -10.90
C HIS A 149 11.49 -33.60 -9.42
N GLU A 150 11.71 -32.36 -8.98
CA GLU A 150 11.72 -32.07 -7.56
C GLU A 150 10.85 -30.85 -7.34
N ILE A 151 10.15 -30.82 -6.22
CA ILE A 151 9.30 -29.68 -5.91
C ILE A 151 10.18 -28.45 -5.60
N ILE A 152 9.91 -27.33 -6.28
CA ILE A 152 10.64 -26.10 -5.98
C ILE A 152 9.77 -25.02 -5.35
N GLU A 153 8.45 -25.16 -5.45
CA GLU A 153 7.51 -24.27 -4.75
C GLU A 153 6.33 -25.03 -4.13
N PHE A 154 6.02 -24.73 -2.87
CA PHE A 154 4.95 -25.40 -2.14
C PHE A 154 4.02 -24.34 -1.60
N PRO A 155 2.99 -23.94 -2.38
CA PRO A 155 2.05 -22.96 -1.83
C PRO A 155 0.87 -23.64 -1.14
N VAL A 156 0.18 -22.90 -0.29
CA VAL A 156 -1.05 -23.37 0.31
C VAL A 156 -2.06 -22.23 0.23
N VAL A 157 -3.25 -22.52 -0.27
CA VAL A 157 -4.32 -21.53 -0.23
C VAL A 157 -5.51 -22.15 0.51
N LEU A 158 -5.95 -21.48 1.56
CA LEU A 158 -7.06 -21.98 2.38
C LEU A 158 -8.37 -21.30 2.05
N LEU A 159 -9.30 -22.07 1.51
CA LEU A 159 -10.59 -21.55 1.12
C LEU A 159 -11.61 -21.97 2.16
N ASN A 160 -12.33 -21.00 2.72
CA ASN A 160 -13.37 -21.26 3.68
C ASN A 160 -14.66 -21.50 2.92
N THR A 161 -15.21 -22.71 3.01
CA THR A 161 -16.36 -23.06 2.17
C THR A 161 -17.62 -22.28 2.52
N HIS A 162 -17.71 -21.80 3.77
CA HIS A 162 -18.89 -21.05 4.23
C HIS A 162 -18.92 -19.61 3.77
N THR A 163 -17.86 -18.86 4.03
CA THR A 163 -17.78 -17.48 3.61
C THR A 163 -17.45 -17.38 2.13
N LEU A 164 -16.99 -18.48 1.55
CA LEU A 164 -16.48 -18.54 0.17
C LEU A 164 -15.30 -17.58 -0.10
N GLU A 165 -14.52 -17.33 0.94
CA GLU A 165 -13.38 -16.41 0.85
C GLU A 165 -12.08 -17.17 1.02
N ILE A 166 -11.06 -16.72 0.28
CA ILE A 166 -9.69 -17.19 0.49
C ILE A 166 -9.19 -16.55 1.77
N GLU A 167 -8.94 -17.39 2.77
CA GLU A 167 -8.68 -16.91 4.12
C GLU A 167 -7.20 -16.84 4.47
N ASP A 168 -6.42 -17.75 3.90
CA ASP A 168 -5.00 -17.82 4.20
C ASP A 168 -4.25 -18.23 2.97
N THR A 169 -3.11 -17.61 2.75
CA THR A 169 -2.19 -18.03 1.71
C THR A 169 -0.77 -18.06 2.28
N PHE A 170 -0.05 -19.14 1.97
CA PHE A 170 1.32 -19.31 2.40
C PHE A 170 2.17 -19.81 1.25
N GLN A 171 3.27 -19.12 0.98
CA GLN A 171 4.19 -19.55 -0.05
C GLN A 171 5.56 -19.90 0.50
N GLN A 172 6.14 -20.97 -0.03
CA GLN A 172 7.49 -21.37 0.35
C GLN A 172 8.20 -21.98 -0.82
N TYR A 173 9.45 -21.60 -1.02
CA TYR A 173 10.24 -22.26 -2.03
C TYR A 173 11.01 -23.42 -1.43
N VAL A 174 11.34 -24.39 -2.26
CA VAL A 174 12.05 -25.58 -1.79
C VAL A 174 13.39 -25.70 -2.51
N ARG A 175 14.44 -26.09 -1.79
CA ARG A 175 15.74 -26.33 -2.41
C ARG A 175 15.88 -27.77 -2.90
N PRO A 176 16.04 -27.95 -4.21
CA PRO A 176 16.25 -29.29 -4.75
C PRO A 176 17.61 -29.82 -4.30
N GLU A 177 17.73 -31.14 -4.20
CA GLU A 177 19.00 -31.75 -3.79
C GLU A 177 19.63 -32.67 -4.84
N ILE A 178 18.82 -33.22 -5.74
CA ILE A 178 19.34 -34.04 -6.81
C ILE A 178 19.83 -33.15 -7.95
N ASN A 179 18.91 -32.70 -8.81
CA ASN A 179 19.24 -31.72 -9.86
C ASN A 179 19.15 -30.32 -9.30
N THR A 180 20.23 -29.84 -8.67
CA THR A 180 20.12 -28.62 -7.87
C THR A 180 20.11 -27.35 -8.69
N GLN A 181 20.78 -27.36 -9.84
CA GLN A 181 20.78 -26.20 -10.73
C GLN A 181 19.53 -26.17 -11.61
N LEU A 182 18.67 -25.18 -11.42
CA LEU A 182 17.46 -25.05 -12.24
C LEU A 182 17.85 -24.81 -13.68
N SER A 183 17.14 -25.39 -14.63
CA SER A 183 17.42 -25.13 -16.03
C SER A 183 16.91 -23.74 -16.45
N ASP A 184 17.45 -23.22 -17.55
CA ASP A 184 16.93 -21.97 -18.10
C ASP A 184 15.46 -22.09 -18.42
N PHE A 185 15.07 -23.22 -19.02
CA PHE A 185 13.69 -23.42 -19.37
C PHE A 185 12.83 -23.29 -18.12
N CYS A 186 13.30 -23.90 -17.03
CA CYS A 186 12.56 -23.87 -15.76
C CYS A 186 12.51 -22.47 -15.15
N ILE A 187 13.65 -21.79 -15.11
CA ILE A 187 13.70 -20.43 -14.56
C ILE A 187 12.76 -19.50 -15.31
N SER A 188 12.55 -19.76 -16.59
CA SER A 188 11.76 -18.86 -17.38
C SER A 188 10.29 -19.26 -17.32
N LEU A 189 10.02 -20.55 -17.27
CA LEU A 189 8.64 -20.99 -17.28
C LEU A 189 7.97 -20.61 -15.97
N THR A 190 8.66 -20.83 -14.87
CA THR A 190 8.09 -20.64 -13.54
C THR A 190 8.40 -19.27 -12.95
N GLY A 191 9.45 -18.63 -13.43
CA GLY A 191 9.83 -17.33 -12.90
C GLY A 191 10.73 -17.44 -11.68
N ILE A 192 10.84 -18.65 -11.10
CA ILE A 192 11.68 -18.88 -9.92
C ILE A 192 13.17 -18.86 -10.27
N THR A 193 13.97 -18.10 -9.52
CA THR A 193 15.39 -17.97 -9.82
C THR A 193 16.26 -18.91 -8.99
N GLN A 194 17.47 -19.17 -9.46
CA GLN A 194 18.40 -20.00 -8.70
C GLN A 194 18.64 -19.43 -7.32
N ASP A 195 18.75 -18.11 -7.20
CA ASP A 195 19.07 -17.54 -5.91
C ASP A 195 17.95 -17.83 -4.94
N GLN A 196 16.73 -17.92 -5.45
CA GLN A 196 15.58 -18.26 -4.62
C GLN A 196 15.65 -19.68 -4.07
N VAL A 197 15.87 -20.67 -4.93
CA VAL A 197 15.94 -22.04 -4.45
C VAL A 197 17.16 -22.27 -3.57
N ASP A 198 18.26 -21.59 -3.89
CA ASP A 198 19.51 -21.71 -3.14
C ASP A 198 19.32 -21.27 -1.70
N ARG A 199 18.48 -20.28 -1.49
CA ARG A 199 18.29 -19.72 -0.16
C ARG A 199 17.14 -20.38 0.57
N ALA A 200 16.49 -21.35 -0.07
CA ALA A 200 15.30 -22.01 0.48
C ALA A 200 15.60 -23.26 1.33
N ASP A 201 14.66 -23.63 2.20
CA ASP A 201 14.76 -24.89 2.94
C ASP A 201 14.60 -26.10 2.04
N THR A 202 15.08 -27.26 2.50
CA THR A 202 14.83 -28.54 1.81
C THR A 202 13.40 -29.01 2.04
N PHE A 203 12.95 -29.90 1.17
CA PHE A 203 11.56 -30.34 1.20
C PHE A 203 11.06 -30.80 2.57
N PRO A 204 11.78 -31.72 3.26
CA PRO A 204 11.24 -32.12 4.57
C PRO A 204 11.02 -30.92 5.49
N GLN A 205 11.94 -29.96 5.52
CA GLN A 205 11.74 -28.77 6.34
C GLN A 205 10.52 -27.96 5.94
N VAL A 206 10.28 -27.82 4.64
CA VAL A 206 9.14 -27.10 4.14
C VAL A 206 7.85 -27.81 4.48
N LEU A 207 7.84 -29.13 4.29
CA LEU A 207 6.71 -29.95 4.72
C LEU A 207 6.39 -29.80 6.22
N LYS A 208 7.41 -29.80 7.09
CA LYS A 208 7.14 -29.60 8.53
C LYS A 208 6.40 -28.28 8.73
N LYS A 209 6.77 -27.26 7.96
CA LYS A 209 6.15 -25.95 8.12
C LYS A 209 4.72 -25.92 7.60
N VAL A 210 4.50 -26.50 6.41
CA VAL A 210 3.16 -26.58 5.89
C VAL A 210 2.25 -27.29 6.92
N ILE A 211 2.75 -28.41 7.45
CA ILE A 211 2.00 -29.14 8.46
C ILE A 211 1.76 -28.29 9.71
N ASP A 212 2.74 -27.52 10.12
CA ASP A 212 2.56 -26.59 11.25
C ASP A 212 1.50 -25.52 10.97
N LEU A 213 1.48 -24.99 9.75
CA LEU A 213 0.45 -24.04 9.34
C LEU A 213 -0.92 -24.68 9.41
N LYS A 215 -1.83 -27.26 11.11
CA LYS A 215 -2.12 -27.49 12.51
C LYS A 215 -2.58 -26.19 13.19
N LEU A 216 -1.98 -25.06 12.83
CA LEU A 216 -2.38 -23.74 13.35
C LEU A 216 -3.80 -23.34 12.97
N LYS A 217 -4.19 -23.60 11.72
CA LYS A 217 -5.55 -23.29 11.30
C LYS A 217 -6.49 -24.42 11.68
N GLU A 218 -5.97 -25.37 12.45
CA GLU A 218 -6.75 -26.40 13.13
C GLU A 218 -7.52 -27.37 12.22
N LEU A 219 -6.96 -27.63 11.05
CA LEU A 219 -7.58 -28.52 10.07
C LEU A 219 -7.53 -29.97 10.53
N GLY A 220 -8.65 -30.66 10.41
CA GLY A 220 -8.71 -32.05 10.80
C GLY A 220 -9.12 -32.27 12.24
N THR A 221 -8.90 -31.25 13.08
CA THR A 221 -9.28 -31.33 14.50
C THR A 221 -10.53 -30.50 14.74
N LYS A 222 -10.42 -29.18 14.72
CA LYS A 222 -11.58 -28.30 14.84
C LYS A 222 -12.40 -28.22 13.57
N TYR A 223 -11.76 -28.20 12.40
CA TYR A 223 -12.44 -28.01 11.11
C TYR A 223 -12.32 -29.19 10.15
N LYS A 224 -13.42 -29.54 9.51
CA LYS A 224 -13.41 -30.58 8.51
C LYS A 224 -12.84 -29.98 7.23
N TYR A 225 -11.92 -30.70 6.58
CA TYR A 225 -11.22 -30.13 5.43
C TYR A 225 -10.86 -31.18 4.39
N SER A 226 -10.38 -30.71 3.24
CA SER A 226 -10.02 -31.57 2.14
C SER A 226 -8.99 -30.89 1.26
N LEU A 227 -8.10 -31.67 0.64
CA LEU A 227 -7.17 -31.14 -0.35
C LEU A 227 -7.77 -31.03 -1.74
N LEU A 228 -7.40 -29.97 -2.44
CA LEU A 228 -7.79 -29.81 -3.82
C LEU A 228 -6.59 -29.39 -4.68
N THR A 229 -6.45 -30.05 -5.82
CA THR A 229 -5.39 -29.75 -6.78
C THR A 229 -5.95 -29.64 -8.18
N ASP A 230 -5.18 -29.04 -9.07
CA ASP A 230 -5.63 -28.79 -10.42
C ASP A 230 -5.08 -29.88 -11.31
N GLY A 231 -5.81 -30.98 -11.46
CA GLY A 231 -5.26 -32.15 -12.13
C GLY A 231 -4.82 -33.19 -11.11
N SER A 232 -4.06 -34.20 -11.54
CA SER A 232 -3.69 -35.29 -10.64
C SER A 232 -2.19 -35.55 -10.55
N TRP A 233 -1.41 -34.58 -11.02
CA TRP A 233 0.03 -34.64 -11.01
C TRP A 233 0.63 -34.21 -9.67
N ASP A 234 0.11 -33.15 -9.08
CA ASP A 234 0.62 -32.64 -7.81
C ASP A 234 0.78 -33.72 -6.74
N SER A 236 0.03 -37.34 -7.25
CA SER A 236 0.41 -38.68 -7.67
C SER A 236 1.75 -38.75 -8.38
N LYS A 237 2.26 -37.60 -8.79
CA LYS A 237 3.55 -37.49 -9.44
C LYS A 237 4.54 -36.69 -8.55
N PHE A 238 4.34 -35.37 -8.44
CA PHE A 238 5.31 -34.52 -7.76
C PHE A 238 5.51 -34.84 -6.28
N LEU A 239 4.43 -34.89 -5.51
CA LEU A 239 4.58 -35.20 -4.11
C LEU A 239 5.06 -36.64 -3.93
N ASN A 240 4.52 -37.51 -4.79
CA ASN A 240 4.88 -38.92 -4.79
C ASN A 240 6.39 -39.10 -4.99
N ILE A 241 6.94 -38.53 -6.07
CA ILE A 241 8.36 -38.63 -6.35
C ILE A 241 9.19 -37.96 -5.24
N GLN A 242 8.79 -36.75 -4.87
CA GLN A 242 9.55 -35.99 -3.88
C GLN A 242 9.75 -36.74 -2.57
N CYS A 243 8.72 -37.44 -2.10
CA CYS A 243 8.83 -38.14 -0.82
C CYS A 243 9.82 -39.30 -0.91
N GLN A 244 9.88 -39.93 -2.08
CA GLN A 244 10.83 -40.99 -2.31
C GLN A 244 12.22 -40.38 -2.27
N LEU A 245 12.41 -39.27 -2.98
CA LEU A 245 13.70 -38.59 -3.02
C LEU A 245 14.13 -38.14 -1.63
N SER A 246 13.18 -37.65 -0.84
CA SER A 246 13.51 -37.15 0.49
C SER A 246 13.52 -38.23 1.55
N ARG A 247 13.29 -39.48 1.13
CA ARG A 247 13.21 -40.62 2.04
C ARG A 247 12.12 -40.43 3.11
N LEU A 248 10.97 -39.91 2.71
CA LEU A 248 9.83 -39.78 3.63
C LEU A 248 8.73 -40.76 3.27
N LYS A 249 8.04 -41.27 4.29
CA LYS A 249 6.76 -41.95 4.08
C LYS A 249 5.82 -40.93 3.44
N TYR A 250 4.97 -41.38 2.53
CA TYR A 250 4.02 -40.47 1.91
C TYR A 250 3.00 -40.12 2.99
N PRO A 251 2.76 -38.81 3.20
CA PRO A 251 1.90 -38.39 4.31
C PRO A 251 0.45 -38.80 4.10
N PRO A 252 -0.11 -39.60 5.03
CA PRO A 252 -1.50 -40.03 4.95
C PRO A 252 -2.48 -38.92 4.54
N PHE A 253 -2.39 -37.73 5.14
CA PHE A 253 -3.36 -36.68 4.86
C PHE A 253 -3.44 -36.37 3.37
N ALA A 254 -2.40 -36.70 2.62
CA ALA A 254 -2.39 -36.36 1.19
C ALA A 254 -2.67 -37.56 0.28
N LYS A 255 -3.27 -38.61 0.83
CA LYS A 255 -3.53 -39.79 0.02
C LYS A 255 -4.86 -39.71 -0.74
N LYS A 256 -5.68 -38.70 -0.43
CA LYS A 256 -6.96 -38.48 -1.11
C LYS A 256 -7.14 -37.02 -1.40
N TRP A 257 -7.65 -36.69 -2.58
CA TRP A 257 -7.86 -35.28 -2.93
C TRP A 257 -8.98 -35.06 -3.94
N ILE A 258 -9.33 -33.78 -4.11
CA ILE A 258 -10.26 -33.34 -5.13
C ILE A 258 -9.47 -32.82 -6.30
N ASN A 259 -9.57 -33.53 -7.41
CA ASN A 259 -8.99 -33.08 -8.66
C ASN A 259 -10.05 -32.25 -9.36
N ILE A 260 -9.86 -30.94 -9.35
CA ILE A 260 -10.92 -30.06 -9.81
C ILE A 260 -11.18 -30.22 -11.31
N ARG A 261 -10.14 -30.56 -12.07
CA ARG A 261 -10.30 -30.80 -13.51
C ARG A 261 -11.32 -31.91 -13.71
N LYS A 262 -11.23 -32.94 -12.87
CA LYS A 262 -12.18 -34.03 -12.93
C LYS A 262 -13.57 -33.54 -12.50
N SER A 263 -13.64 -32.86 -11.35
CA SER A 263 -14.88 -32.26 -10.88
C SER A 263 -15.54 -31.45 -11.98
N TYR A 264 -14.79 -30.52 -12.56
CA TYR A 264 -15.26 -29.66 -13.63
C TYR A 264 -15.83 -30.46 -14.81
N GLY A 265 -15.02 -31.37 -15.34
CA GLY A 265 -15.41 -32.27 -16.42
C GLY A 265 -16.74 -32.95 -16.19
N ASN A 266 -16.94 -33.47 -14.99
CA ASN A 266 -18.18 -34.16 -14.66
C ASN A 266 -19.34 -33.24 -14.40
N PHE A 267 -19.09 -32.14 -13.71
CA PHE A 267 -20.14 -31.15 -13.44
C PHE A 267 -20.70 -30.48 -14.71
N TYR A 268 -19.84 -29.92 -15.55
CA TYR A 268 -20.28 -29.21 -16.74
C TYR A 268 -20.41 -30.12 -17.95
N LYS A 269 -19.90 -31.35 -17.81
CA LYS A 269 -20.13 -32.44 -18.79
C LYS A 269 -19.35 -32.28 -20.08
N VAL A 270 -18.05 -32.02 -19.93
CA VAL A 270 -17.18 -31.80 -21.08
C VAL A 270 -16.00 -32.75 -21.10
N PRO A 271 -15.49 -33.09 -22.30
CA PRO A 271 -14.32 -33.94 -22.36
C PRO A 271 -13.15 -33.38 -21.58
N ARG A 272 -12.25 -34.29 -21.23
CA ARG A 272 -11.11 -34.01 -20.38
C ARG A 272 -10.20 -32.89 -20.92
N SER A 273 -10.07 -32.79 -22.25
CA SER A 273 -9.17 -31.79 -22.83
C SER A 273 -9.66 -30.36 -22.63
N GLN A 274 -10.95 -30.24 -22.28
CA GLN A 274 -11.58 -28.95 -22.06
C GLN A 274 -11.49 -28.47 -20.62
N THR A 275 -10.67 -29.14 -19.81
CA THR A 275 -10.60 -28.82 -18.38
C THR A 275 -9.23 -28.22 -18.05
N LYS A 276 -8.43 -27.97 -19.09
CA LYS A 276 -7.19 -27.22 -18.92
C LYS A 276 -7.52 -25.88 -18.25
N LEU A 277 -6.68 -25.47 -17.32
CA LEU A 277 -6.91 -24.25 -16.55
C LEU A 277 -7.36 -23.10 -17.43
N THR A 278 -6.68 -22.92 -18.55
CA THR A 278 -7.00 -21.83 -19.49
C THR A 278 -8.46 -21.85 -19.94
N ILE A 279 -8.93 -23.03 -20.33
CA ILE A 279 -10.27 -23.19 -20.83
C ILE A 279 -11.30 -23.06 -19.71
N LEU A 281 -11.13 -21.22 -17.05
CA LEU A 281 -11.28 -19.81 -16.76
C LEU A 281 -12.10 -19.13 -17.84
N GLU A 282 -11.73 -19.39 -19.08
CA GLU A 282 -12.39 -18.79 -20.20
C GLU A 282 -13.88 -19.07 -20.23
N LYS A 283 -14.25 -20.35 -20.08
CA LYS A 283 -15.63 -20.79 -20.18
C LYS A 283 -16.50 -20.28 -19.05
N LEU A 284 -15.87 -20.04 -17.90
CA LEU A 284 -16.57 -19.47 -16.77
C LEU A 284 -16.59 -17.93 -16.83
N GLY A 285 -15.96 -17.36 -17.85
CA GLY A 285 -15.95 -15.92 -18.03
C GLY A 285 -15.11 -15.23 -16.99
N ASP A 287 -10.73 -14.32 -15.69
CA ASP A 287 -9.38 -14.13 -16.16
C ASP A 287 -8.37 -14.80 -15.27
N TYR A 288 -7.21 -15.10 -15.86
CA TYR A 288 -6.08 -15.55 -15.07
C TYR A 288 -5.48 -14.31 -14.40
N ASP A 289 -5.45 -14.32 -13.07
CA ASP A 289 -4.85 -13.23 -12.28
C ASP A 289 -3.43 -13.61 -11.85
N GLY A 290 -2.48 -12.70 -12.09
CA GLY A 290 -1.07 -12.93 -11.74
C GLY A 290 -0.23 -13.68 -12.76
N ARG A 291 0.86 -14.25 -12.31
CA ARG A 291 1.81 -14.90 -13.19
C ARG A 291 1.45 -16.35 -13.46
N PRO A 292 1.50 -16.76 -14.74
CA PRO A 292 1.38 -18.19 -15.02
C PRO A 292 2.56 -18.96 -14.44
N HIS A 293 2.32 -20.22 -14.08
CA HIS A 293 3.33 -21.16 -13.53
C HIS A 293 4.01 -20.69 -12.26
N CYS A 294 3.46 -19.64 -11.66
CA CYS A 294 3.74 -19.32 -10.28
C CYS A 294 2.69 -20.04 -9.42
N GLY A 295 3.16 -20.92 -8.55
CA GLY A 295 2.28 -21.84 -7.83
C GLY A 295 1.22 -21.20 -6.94
N LEU A 296 1.61 -20.13 -6.27
CA LEU A 296 0.69 -19.36 -5.44
C LEU A 296 -0.44 -18.79 -6.29
N ASP A 297 -0.10 -18.00 -7.31
CA ASP A 297 -1.08 -17.40 -8.21
C ASP A 297 -1.95 -18.45 -8.89
N ASP A 298 -1.33 -19.55 -9.25
CA ASP A 298 -2.05 -20.65 -9.83
C ASP A 298 -3.08 -21.19 -8.84
N SER A 299 -2.65 -21.45 -7.61
CA SER A 299 -3.54 -21.94 -6.57
C SER A 299 -4.71 -21.00 -6.35
N LYS A 300 -4.44 -19.70 -6.35
CA LYS A 300 -5.49 -18.71 -6.15
C LYS A 300 -6.55 -18.74 -7.25
N ASN A 301 -6.11 -18.81 -8.51
CA ASN A 301 -7.03 -18.94 -9.63
C ASN A 301 -7.88 -20.22 -9.47
N ILE A 302 -7.21 -21.33 -9.14
CA ILE A 302 -7.90 -22.57 -8.85
C ILE A 302 -8.98 -22.36 -7.78
N ALA A 303 -8.63 -21.67 -6.70
CA ALA A 303 -9.60 -21.45 -5.63
C ALA A 303 -10.78 -20.64 -6.15
N ARG A 304 -10.49 -19.62 -6.97
CA ARG A 304 -11.52 -18.82 -7.62
C ARG A 304 -12.51 -19.63 -8.48
N ILE A 305 -12.02 -20.68 -9.12
CA ILE A 305 -12.88 -21.60 -9.84
C ILE A 305 -13.71 -22.44 -8.87
N ALA A 306 -13.06 -22.89 -7.80
CA ALA A 306 -13.72 -23.69 -6.79
C ALA A 306 -14.92 -22.92 -6.26
N VAL A 307 -14.69 -21.65 -5.94
CA VAL A 307 -15.75 -20.82 -5.43
C VAL A 307 -16.88 -20.82 -6.43
N ARG A 308 -16.55 -20.49 -7.66
CA ARG A 308 -17.54 -20.34 -8.67
C ARG A 308 -18.35 -21.62 -8.84
N LEU A 310 -18.81 -24.00 -6.55
CA LEU A 310 -19.64 -24.16 -5.37
C LEU A 310 -20.90 -23.33 -5.56
N GLN A 311 -20.73 -22.06 -5.97
CA GLN A 311 -21.85 -21.19 -6.33
C GLN A 311 -22.78 -21.78 -7.38
N ASP A 312 -22.24 -22.36 -8.46
CA ASP A 312 -23.09 -23.01 -9.48
C ASP A 312 -23.81 -24.23 -8.93
N GLY A 313 -23.57 -24.52 -7.65
CA GLY A 313 -24.25 -25.62 -6.96
C GLY A 313 -23.55 -26.97 -6.98
N CYS A 314 -22.33 -27.01 -7.47
CA CYS A 314 -21.60 -28.26 -7.51
C CYS A 314 -20.94 -28.58 -6.18
N GLU A 315 -21.22 -29.76 -5.62
CA GLU A 315 -20.61 -30.16 -4.35
C GLU A 315 -19.22 -30.78 -4.53
N LEU A 316 -18.17 -29.96 -4.51
CA LEU A 316 -16.80 -30.46 -4.70
C LEU A 316 -16.49 -31.49 -3.64
N ARG A 317 -15.97 -32.64 -4.05
CA ARG A 317 -15.69 -33.72 -3.11
C ARG A 317 -14.55 -34.60 -3.60
N ILE A 318 -13.93 -35.34 -2.68
CA ILE A 318 -12.78 -36.18 -2.99
C ILE A 318 -13.17 -37.06 -4.15
N ASN A 319 -12.31 -37.14 -5.17
CA ASN A 319 -12.58 -37.99 -6.32
C ASN A 319 -11.38 -38.75 -6.87
N GLU A 320 -10.25 -38.66 -6.18
CA GLU A 320 -9.02 -39.33 -6.58
C GLU A 320 -8.19 -39.71 -5.36
N LYS A 321 -7.39 -40.77 -5.50
CA LYS A 321 -6.52 -41.22 -4.41
C LYS A 321 -5.31 -42.01 -4.88
N HIS A 323 -3.21 -45.50 -4.29
CA HIS A 323 -3.37 -46.86 -3.80
C HIS A 323 -2.27 -47.67 -4.42
N ALA A 324 -1.53 -48.39 -3.58
CA ALA A 324 -0.29 -49.08 -4.00
C ALA A 324 0.59 -48.18 -4.89
N GLY A 325 0.73 -46.91 -4.51
CA GLY A 325 1.48 -45.94 -5.32
C GLY A 325 1.00 -45.81 -6.75
N GLN A 326 -0.31 -45.79 -6.94
CA GLN A 326 -0.95 -45.69 -8.25
C GLN A 326 -2.12 -44.75 -8.12
N LEU A 327 -2.42 -44.06 -9.20
CA LEU A 327 -3.54 -43.14 -9.21
C LEU A 327 -4.81 -43.95 -9.41
N SER A 329 -9.38 -43.66 -8.96
CA SER A 329 -10.55 -42.83 -8.70
C SER A 329 -11.20 -43.18 -7.37
N VAL A 330 -12.15 -42.37 -6.95
CA VAL A 330 -12.86 -42.55 -5.70
C VAL A 330 -14.33 -42.27 -5.98
N SER A 331 -15.21 -43.19 -5.60
CA SER A 331 -16.64 -43.05 -5.88
C SER A 331 -17.20 -41.72 -5.46
N SER A 332 -17.91 -41.08 -6.37
CA SER A 332 -18.44 -39.75 -6.12
C SER A 332 -19.75 -39.84 -5.34
N SER A 333 -20.33 -41.03 -5.30
CA SER A 333 -21.57 -41.25 -4.62
C SER A 333 -21.39 -41.69 -3.16
N LEU A 334 -20.23 -41.43 -2.55
CA LEU A 334 -20.10 -41.81 -1.14
C LEU A 334 -20.02 -40.60 -0.22
N PRO A 335 -20.40 -40.77 1.06
CA PRO A 335 -20.59 -39.62 1.94
C PRO A 335 -19.32 -38.79 2.12
N ILE A 336 -19.51 -37.49 2.38
CA ILE A 336 -18.44 -36.55 2.63
C ILE A 336 -17.66 -36.99 3.86
N GLU A 337 -16.36 -37.15 3.69
CA GLU A 337 -15.49 -37.58 4.77
C GLU A 337 -14.28 -36.64 4.81
N GLY A 338 -14.01 -36.09 5.99
CA GLY A 338 -12.88 -35.20 6.18
C GLY A 338 -11.54 -35.91 6.05
N THR A 339 -10.53 -35.15 5.63
CA THR A 339 -9.16 -35.60 5.66
C THR A 339 -8.69 -35.58 7.11
N PRO A 340 -7.90 -36.60 7.51
CA PRO A 340 -7.42 -36.61 8.91
C PRO A 340 -6.48 -35.44 9.19
N PRO A 341 -6.40 -35.01 10.46
CA PRO A 341 -5.44 -33.97 10.79
C PRO A 341 -4.04 -34.41 10.36
N PRO A 342 -3.29 -33.51 9.71
CA PRO A 342 -1.98 -33.87 9.20
C PRO A 342 -0.99 -34.15 10.31
N GLN A 343 -0.05 -35.05 10.04
CA GLN A 343 1.06 -35.34 10.93
C GLN A 343 2.32 -35.20 10.09
N PRO A 345 5.29 -36.94 8.54
CA PRO A 345 5.76 -38.32 8.35
C PRO A 345 7.21 -38.48 8.78
N HIS A 346 7.56 -39.72 9.09
CA HIS A 346 8.91 -40.05 9.51
C HIS A 346 9.77 -40.25 8.30
N PHE A 347 11.05 -40.45 8.53
CA PHE A 347 11.90 -40.87 7.45
C PHE A 347 11.69 -42.37 7.25
N ARG A 348 11.62 -42.79 5.99
CA ARG A 348 11.54 -44.20 5.66
C ARG A 348 12.85 -44.81 6.06
N LYS A 349 12.76 -45.85 6.87
CA LYS A 349 13.91 -46.50 7.51
C LYS A 349 14.94 -47.05 6.51
N CYS B 41 28.09 -10.40 0.87
CA CYS B 41 27.08 -9.64 1.66
C CYS B 41 27.69 -8.74 2.76
N LYS B 42 27.10 -7.55 2.98
CA LYS B 42 27.73 -6.48 3.80
C LYS B 42 27.39 -6.45 5.30
N PHE B 43 28.43 -6.50 6.13
CA PHE B 43 28.26 -6.42 7.59
C PHE B 43 28.09 -4.96 8.08
N ASP B 44 26.94 -4.71 8.73
CA ASP B 44 26.65 -3.42 9.38
C ASP B 44 25.91 -3.61 10.69
N GLY B 45 26.44 -3.03 11.77
CA GLY B 45 25.82 -3.18 13.08
C GLY B 45 26.49 -2.39 14.18
N GLN B 46 25.70 -2.03 15.20
CA GLN B 46 26.13 -1.20 16.34
C GLN B 46 26.38 0.25 15.88
N GLU B 47 25.50 0.74 15.01
CA GLU B 47 25.67 2.02 14.30
C GLU B 47 25.49 3.27 15.17
N THR B 48 24.48 3.25 16.06
CA THR B 48 24.32 4.32 17.07
C THR B 48 25.49 4.34 18.08
N LYS B 49 26.31 3.27 18.06
CA LYS B 49 27.53 3.16 18.85
C LYS B 49 28.81 3.41 18.04
N GLY B 50 28.65 3.94 16.82
CA GLY B 50 29.77 4.42 16.00
C GLY B 50 30.58 3.40 15.19
N SER B 51 29.96 2.30 14.79
CA SER B 51 30.61 1.26 14.00
C SER B 51 31.08 1.70 12.60
N LYS B 52 30.43 2.73 12.04
CA LYS B 52 30.80 3.27 10.73
C LYS B 52 32.10 4.10 10.76
N PHE B 53 32.51 4.50 11.96
CA PHE B 53 33.78 5.20 12.18
C PHE B 53 34.92 4.20 12.36
N ILE B 54 35.75 4.04 11.33
CA ILE B 54 36.84 3.05 11.33
C ILE B 54 38.12 3.59 11.95
N THR B 55 38.63 2.86 12.94
CA THR B 55 39.92 3.18 13.56
C THR B 55 41.04 2.44 12.81
N SER B 56 42.19 3.11 12.62
CA SER B 56 43.35 2.50 11.97
C SER B 56 44.65 3.23 12.29
N SER B 57 45.78 2.65 11.87
CA SER B 57 47.10 3.26 12.06
C SER B 57 47.30 4.47 11.15
N ALA B 58 47.87 5.53 11.73
CA ALA B 58 48.29 6.69 10.95
C ALA B 58 49.55 6.34 10.15
N SER B 59 49.35 6.00 8.87
CA SER B 59 50.43 5.60 7.97
C SER B 59 51.40 6.75 7.69
N ASP B 60 52.66 6.56 8.09
CA ASP B 60 53.70 7.57 7.93
C ASP B 60 54.24 7.58 6.50
N TYR B 66 48.95 15.90 7.06
CA TYR B 66 48.20 16.82 7.90
C TYR B 66 46.72 16.44 7.98
N LYS B 67 46.12 16.19 6.82
CA LYS B 67 44.68 15.88 6.72
C LYS B 67 44.24 14.76 7.66
N GLU B 68 45.03 13.70 7.74
CA GLU B 68 44.77 12.58 8.64
C GLU B 68 44.31 13.05 10.02
N ILE B 69 45.01 14.05 10.56
CA ILE B 69 44.70 14.62 11.87
C ILE B 69 43.37 15.38 11.83
N ALA B 70 43.21 16.25 10.83
CA ALA B 70 42.00 17.07 10.67
C ALA B 70 40.71 16.24 10.53
N ILE B 71 40.75 15.22 9.67
CA ILE B 71 39.60 14.36 9.40
C ILE B 71 39.27 13.46 10.60
N THR B 72 40.29 13.10 11.39
CA THR B 72 40.07 12.34 12.62
C THR B 72 39.26 13.15 13.62
N ASN B 73 39.71 14.39 13.87
CA ASN B 73 39.08 15.28 14.84
C ASN B 73 37.67 15.70 14.40
N GLY B 74 37.49 15.84 13.09
CA GLY B 74 36.17 16.05 12.51
C GLY B 74 35.18 14.94 12.87
N CYS B 75 35.61 13.70 12.70
CA CYS B 75 34.82 12.52 13.04
C CYS B 75 34.35 12.54 14.48
N ILE B 76 35.28 12.89 15.39
CA ILE B 76 34.99 12.93 16.82
C ILE B 76 33.98 14.05 17.13
N ASN B 77 34.11 15.18 16.44
CA ASN B 77 33.15 16.27 16.53
C ASN B 77 31.73 15.87 16.14
N ARG B 78 31.63 14.90 15.23
CA ARG B 78 30.34 14.44 14.71
C ARG B 78 29.66 13.43 15.61
N SER B 80 27.99 11.44 18.78
CA SER B 80 27.11 11.70 19.92
C SER B 80 27.79 11.26 21.23
N LYS B 81 27.18 11.66 22.36
CA LYS B 81 27.62 11.22 23.68
C LYS B 81 27.75 9.70 23.74
N GLU B 82 26.74 9.01 23.22
CA GLU B 82 26.68 7.55 23.20
C GLU B 82 27.87 6.94 22.45
N GLU B 83 28.17 7.50 21.28
CA GLU B 83 29.24 7.01 20.41
C GLU B 83 30.63 7.24 21.02
N LEU B 84 30.84 8.44 21.55
CA LEU B 84 32.09 8.79 22.21
C LEU B 84 32.47 7.78 23.29
N ARG B 85 31.48 7.39 24.10
CA ARG B 85 31.65 6.40 25.17
C ARG B 85 32.10 5.05 24.63
N ALA B 86 31.45 4.59 23.55
CA ALA B 86 31.75 3.29 22.94
C ALA B 86 33.20 3.19 22.43
N LYS B 87 33.69 4.25 21.81
CA LYS B 87 35.09 4.33 21.40
C LYS B 87 36.05 4.38 22.59
N LEU B 88 35.67 5.14 23.62
CA LEU B 88 36.46 5.20 24.85
C LEU B 88 36.46 3.84 25.55
N SER B 89 35.31 3.17 25.52
CA SER B 89 35.12 1.86 26.12
C SER B 89 35.96 0.78 25.45
N GLU B 90 36.06 0.84 24.13
CA GLU B 90 36.84 -0.10 23.33
C GLU B 90 38.31 -0.15 23.74
N PHE B 91 38.91 1.03 23.95
CA PHE B 91 40.30 1.13 24.35
C PHE B 91 40.49 1.09 25.88
N LYS B 92 39.41 0.75 26.60
CA LYS B 92 39.41 0.67 28.06
C LYS B 92 39.80 1.99 28.75
N LEU B 93 39.23 3.09 28.28
CA LEU B 93 39.50 4.40 28.82
C LEU B 93 38.35 4.88 29.70
N GLU B 94 38.59 5.95 30.46
CA GLU B 94 37.56 6.58 31.29
C GLU B 94 36.38 7.08 30.45
N THR B 95 35.16 6.80 30.92
CA THR B 95 33.95 7.19 30.21
C THR B 95 33.01 8.07 31.06
N ARG B 96 33.58 9.07 31.74
CA ARG B 96 32.83 9.89 32.71
C ARG B 96 31.86 10.91 32.10
N GLY B 97 31.43 11.90 32.90
CA GLY B 97 30.25 12.74 32.65
C GLY B 97 30.04 13.56 31.37
N VAL B 98 30.60 14.78 31.33
CA VAL B 98 30.22 15.79 30.31
C VAL B 98 30.86 15.54 28.93
N LYS B 99 30.10 15.83 27.87
CA LYS B 99 30.49 15.52 26.47
C LYS B 99 31.81 16.14 26.00
N ASP B 100 32.01 17.43 26.31
CA ASP B 100 33.23 18.13 25.88
C ASP B 100 34.51 17.49 26.44
N VAL B 101 34.46 17.05 27.69
CA VAL B 101 35.56 16.33 28.35
C VAL B 101 35.86 15.02 27.62
N LEU B 102 34.80 14.34 27.18
CA LEU B 102 34.91 13.10 26.40
C LEU B 102 35.63 13.34 25.07
N LYS B 103 35.30 14.45 24.42
CA LYS B 103 35.92 14.83 23.14
C LYS B 103 37.42 15.07 23.24
N LYS B 104 37.83 15.82 24.26
CA LYS B 104 39.25 16.10 24.52
C LYS B 104 40.01 14.81 24.80
N ARG B 105 39.39 13.90 25.56
CA ARG B 105 39.96 12.60 25.91
C ARG B 105 40.24 11.75 24.68
N LEU B 106 39.27 11.67 23.76
CA LEU B 106 39.43 10.91 22.52
C LEU B 106 40.43 11.50 21.52
N LYS B 107 40.31 12.82 21.25
CA LYS B 107 41.23 13.49 20.34
C LYS B 107 42.70 13.29 20.78
N ASN B 108 42.94 13.45 22.09
CA ASN B 108 44.29 13.28 22.69
C ASN B 108 44.84 11.86 22.66
N TYR B 109 43.96 10.89 22.87
CA TYR B 109 44.33 9.47 22.80
C TYR B 109 44.74 9.11 21.38
N TYR B 110 43.94 9.54 20.42
CA TYR B 110 44.18 9.31 19.01
C TYR B 110 45.48 9.94 18.51
N LYS B 111 45.97 10.96 19.22
CA LYS B 111 47.27 11.52 18.89
C LYS B 111 48.37 11.01 19.83
N LYS B 112 47.99 10.42 20.95
CA LYS B 112 48.95 9.83 21.89
C LYS B 112 49.71 8.67 21.22
N GLN B 113 48.99 7.86 20.46
CA GLN B 113 49.62 6.98 19.46
C GLN B 113 49.13 7.40 18.08
N LYS B 114 49.93 7.11 17.06
CA LYS B 114 49.58 7.44 15.69
C LYS B 114 48.33 6.66 15.25
N LEU B 115 47.16 7.19 15.62
CA LEU B 115 45.87 6.58 15.30
C LEU B 115 44.94 7.60 14.63
N LEU B 117 40.76 8.28 12.54
CA LEU B 117 39.41 7.87 12.18
C LEU B 117 39.07 8.24 10.75
N LYS B 118 38.46 7.29 10.05
CA LYS B 118 37.81 7.56 8.78
C LYS B 118 36.38 7.03 8.83
N GLU B 119 35.42 7.83 8.38
CA GLU B 119 34.05 7.35 8.27
C GLU B 119 33.82 6.76 6.89
N SER B 120 33.48 5.48 6.84
CA SER B 120 32.99 4.88 5.58
C SER B 120 31.46 4.81 5.61
N ASN B 121 30.82 5.59 4.76
CA ASN B 121 29.37 5.54 4.67
C ASN B 121 28.90 4.58 3.60
N PHE B 122 27.75 3.98 3.88
CA PHE B 122 27.06 3.03 3.03
C PHE B 122 25.64 2.90 3.55
N ALA B 123 24.70 2.55 2.68
CA ALA B 123 23.30 2.40 3.03
C ALA B 123 23.06 1.30 4.07
N ASP B 124 22.08 1.51 4.96
CA ASP B 124 21.65 0.49 5.93
C ASP B 124 20.84 -0.59 5.25
N SER B 125 21.00 -1.83 5.73
CA SER B 125 20.12 -2.93 5.39
C SER B 125 18.71 -2.50 5.57
N TYR B 126 17.88 -2.74 4.56
CA TYR B 126 16.47 -2.50 4.68
C TYR B 126 15.79 -3.75 5.25
N TYR B 127 14.51 -3.62 5.60
CA TYR B 127 13.77 -4.77 6.07
C TYR B 127 13.59 -5.76 4.94
N ASP B 128 13.74 -7.04 5.25
CA ASP B 128 13.50 -8.09 4.29
C ASP B 128 12.01 -8.26 4.10
N TYR B 129 11.29 -8.10 5.20
CA TYR B 129 9.85 -8.24 5.21
C TYR B 129 9.19 -7.12 5.96
N ILE B 130 8.07 -6.64 5.43
CA ILE B 130 7.19 -5.74 6.17
C ILE B 130 5.99 -6.59 6.54
N CYS B 131 5.57 -6.49 7.78
CA CYS B 131 4.44 -7.27 8.24
C CYS B 131 3.26 -6.37 8.57
N ILE B 132 2.28 -6.33 7.67
CA ILE B 132 1.11 -5.44 7.77
C ILE B 132 0.02 -6.02 8.67
N ILE B 133 -0.47 -5.21 9.60
CA ILE B 133 -1.56 -5.61 10.49
C ILE B 133 -2.61 -4.52 10.49
N ASP B 134 -3.87 -4.92 10.37
CA ASP B 134 -4.97 -3.97 10.42
C ASP B 134 -6.14 -4.58 11.19
N PHE B 135 -6.20 -4.38 12.50
CA PHE B 135 -7.26 -4.99 13.33
C PHE B 135 -8.67 -4.52 13.03
N GLU B 136 -9.63 -5.39 13.28
CA GLU B 136 -11.03 -4.99 13.41
C GLU B 136 -11.44 -5.15 14.87
N ALA B 137 -12.36 -4.31 15.34
CA ALA B 137 -12.72 -4.29 16.75
C ALA B 137 -14.20 -4.08 16.99
N THR B 138 -14.70 -4.53 18.14
CA THR B 138 -16.05 -4.17 18.58
C THR B 138 -16.21 -2.64 18.58
N CYS B 139 -17.40 -2.17 18.25
CA CYS B 139 -17.67 -0.73 18.16
C CYS B 139 -19.16 -0.40 18.16
N GLU B 140 -19.48 0.88 18.25
CA GLU B 140 -20.88 1.32 18.33
C GLU B 140 -21.16 2.58 17.54
N GLU B 141 -22.41 2.71 17.10
CA GLU B 141 -22.86 3.87 16.37
C GLU B 141 -22.59 5.10 17.22
N GLY B 142 -22.13 6.17 16.59
CA GLY B 142 -21.81 7.38 17.33
C GLY B 142 -20.48 7.28 18.04
N ASN B 143 -19.84 6.12 17.93
CA ASN B 143 -18.48 5.91 18.39
C ASN B 143 -18.22 6.54 19.76
N PRO B 144 -18.92 6.04 20.83
CA PRO B 144 -18.95 6.73 22.12
C PRO B 144 -17.62 6.61 22.82
N PRO B 145 -17.21 7.64 23.57
CA PRO B 145 -15.80 7.68 23.96
C PRO B 145 -15.39 6.65 25.00
N GLU B 146 -16.29 6.25 25.91
CA GLU B 146 -15.86 5.34 26.97
C GLU B 146 -16.12 3.86 26.73
N PHE B 147 -16.42 3.50 25.48
CA PHE B 147 -16.70 2.11 25.14
C PHE B 147 -15.39 1.32 25.06
N VAL B 148 -15.38 0.16 25.72
CA VAL B 148 -14.21 -0.69 25.75
C VAL B 148 -14.14 -1.55 24.50
N HIS B 149 -13.23 -1.19 23.59
CA HIS B 149 -13.03 -1.93 22.34
C HIS B 149 -12.36 -3.28 22.59
N GLU B 150 -12.65 -4.26 21.74
CA GLU B 150 -11.97 -5.55 21.77
C GLU B 150 -11.68 -5.99 20.35
N ILE B 151 -10.45 -6.46 20.10
CA ILE B 151 -10.10 -6.91 18.76
C ILE B 151 -10.97 -8.12 18.38
N ILE B 152 -11.67 -8.03 17.25
CA ILE B 152 -12.44 -9.17 16.75
C ILE B 152 -11.85 -9.80 15.48
N GLU B 153 -10.89 -9.13 14.85
CA GLU B 153 -10.18 -9.70 13.71
C GLU B 153 -8.70 -9.33 13.67
N PHE B 154 -7.87 -10.35 13.50
CA PHE B 154 -6.44 -10.21 13.52
C PHE B 154 -5.85 -10.71 12.20
N PRO B 155 -5.76 -9.82 11.18
CA PRO B 155 -5.13 -10.25 9.93
C PRO B 155 -3.63 -9.98 9.90
N VAL B 156 -2.90 -10.77 9.13
CA VAL B 156 -1.47 -10.53 8.91
C VAL B 156 -1.18 -10.65 7.43
N VAL B 157 -0.45 -9.68 6.88
CA VAL B 157 0.01 -9.76 5.50
C VAL B 157 1.52 -9.54 5.50
N LEU B 158 2.26 -10.45 4.88
CA LEU B 158 3.72 -10.36 4.83
C LEU B 158 4.22 -9.99 3.44
N LEU B 159 4.91 -8.86 3.37
CA LEU B 159 5.44 -8.34 2.12
C LEU B 159 6.93 -8.61 2.04
N ASN B 160 7.34 -9.33 1.00
CA ASN B 160 8.74 -9.45 0.72
C ASN B 160 9.19 -8.17 0.04
N THR B 161 10.18 -7.48 0.60
CA THR B 161 10.58 -6.19 0.05
C THR B 161 11.54 -6.30 -1.14
N HIS B 162 12.24 -7.43 -1.28
CA HIS B 162 13.13 -7.65 -2.43
C HIS B 162 12.31 -7.89 -3.68
N THR B 163 11.27 -8.72 -3.57
CA THR B 163 10.47 -9.06 -4.73
C THR B 163 9.21 -8.22 -4.87
N LEU B 164 8.93 -7.40 -3.86
CA LEU B 164 7.68 -6.65 -3.79
C LEU B 164 6.43 -7.54 -3.98
N GLU B 165 6.47 -8.77 -3.44
CA GLU B 165 5.37 -9.72 -3.55
C GLU B 165 4.84 -10.02 -2.17
N ILE B 166 3.53 -10.06 -2.04
CA ILE B 166 2.92 -10.54 -0.82
C ILE B 166 3.12 -12.06 -0.77
N GLU B 167 3.84 -12.55 0.23
CA GLU B 167 4.11 -13.98 0.28
C GLU B 167 3.14 -14.74 1.12
N ASP B 168 2.53 -14.06 2.09
CA ASP B 168 1.75 -14.74 3.12
C ASP B 168 0.61 -13.89 3.54
N THR B 169 -0.57 -14.49 3.65
CA THR B 169 -1.74 -13.83 4.23
C THR B 169 -2.39 -14.78 5.21
N PHE B 170 -2.70 -14.24 6.38
CA PHE B 170 -3.31 -15.00 7.45
C PHE B 170 -4.44 -14.18 8.03
N GLN B 171 -5.58 -14.82 8.30
CA GLN B 171 -6.72 -14.11 8.88
C GLN B 171 -7.37 -14.94 9.96
N GLN B 172 -7.64 -14.30 11.09
CA GLN B 172 -8.29 -14.98 12.20
C GLN B 172 -9.22 -14.09 13.03
N TYR B 173 -10.39 -14.61 13.37
CA TYR B 173 -11.32 -13.88 14.22
C TYR B 173 -11.05 -14.16 15.70
N VAL B 174 -11.44 -13.23 16.56
CA VAL B 174 -11.18 -13.33 17.98
C VAL B 174 -12.49 -13.20 18.71
N ARG B 175 -12.76 -14.06 19.69
CA ARG B 175 -13.98 -13.94 20.47
C ARG B 175 -13.86 -12.88 21.58
N PRO B 176 -14.70 -11.85 21.55
CA PRO B 176 -14.68 -10.89 22.64
C PRO B 176 -15.31 -11.46 23.91
N GLU B 177 -14.86 -10.99 25.06
CA GLU B 177 -15.38 -11.46 26.35
C GLU B 177 -16.04 -10.36 27.20
N ILE B 178 -15.62 -9.12 27.00
CA ILE B 178 -16.24 -8.01 27.70
C ILE B 178 -17.59 -7.70 27.06
N ASN B 179 -17.59 -7.13 25.86
CA ASN B 179 -18.84 -6.90 25.14
C ASN B 179 -19.02 -8.00 24.08
N THR B 180 -19.59 -9.13 24.51
CA THR B 180 -19.66 -10.37 23.71
C THR B 180 -20.62 -10.34 22.51
N GLN B 181 -21.61 -9.46 22.57
CA GLN B 181 -22.55 -9.29 21.47
C GLN B 181 -22.07 -8.16 20.60
N LEU B 182 -21.85 -8.44 19.32
CA LEU B 182 -21.55 -7.37 18.39
C LEU B 182 -22.78 -6.50 18.20
N SER B 183 -22.59 -5.20 18.08
CA SER B 183 -23.72 -4.35 17.72
C SER B 183 -24.05 -4.56 16.24
N ASP B 184 -25.29 -4.26 15.88
CA ASP B 184 -25.69 -4.23 14.47
C ASP B 184 -24.77 -3.29 13.71
N PHE B 185 -24.51 -2.11 14.28
CA PHE B 185 -23.57 -1.18 13.67
C PHE B 185 -22.25 -1.85 13.33
N CYS B 186 -21.72 -2.60 14.30
CA CYS B 186 -20.45 -3.29 14.14
C CYS B 186 -20.54 -4.41 13.09
N ILE B 187 -21.61 -5.20 13.16
CA ILE B 187 -21.84 -6.29 12.20
C ILE B 187 -21.94 -5.73 10.79
N SER B 188 -22.58 -4.59 10.67
CA SER B 188 -22.71 -3.93 9.38
C SER B 188 -21.39 -3.34 8.90
N LEU B 189 -20.67 -2.64 9.78
CA LEU B 189 -19.45 -1.94 9.37
C LEU B 189 -18.31 -2.88 8.98
N THR B 190 -18.11 -3.95 9.75
CA THR B 190 -16.98 -4.86 9.54
C THR B 190 -17.36 -6.08 8.68
N GLY B 191 -18.63 -6.43 8.67
CA GLY B 191 -19.08 -7.63 7.96
C GLY B 191 -18.92 -8.89 8.78
N ILE B 192 -18.30 -8.79 9.95
CA ILE B 192 -18.12 -9.94 10.83
C ILE B 192 -19.45 -10.24 11.53
N THR B 193 -19.85 -11.50 11.54
CA THR B 193 -21.15 -11.87 12.12
C THR B 193 -20.99 -12.41 13.54
N GLN B 194 -22.07 -12.32 14.30
CA GLN B 194 -22.09 -12.85 15.66
C GLN B 194 -21.61 -14.29 15.66
N ASP B 195 -22.08 -15.06 14.69
CA ASP B 195 -21.72 -16.46 14.62
C ASP B 195 -20.20 -16.66 14.49
N GLN B 196 -19.55 -15.85 13.66
CA GLN B 196 -18.11 -15.97 13.45
C GLN B 196 -17.28 -15.67 14.71
N VAL B 197 -17.65 -14.63 15.46
CA VAL B 197 -16.95 -14.36 16.72
C VAL B 197 -17.24 -15.44 17.78
N ASP B 198 -18.50 -15.85 17.92
CA ASP B 198 -18.89 -16.93 18.85
C ASP B 198 -18.01 -18.15 18.74
N ARG B 199 -17.69 -18.52 17.51
CA ARG B 199 -17.01 -19.77 17.25
C ARG B 199 -15.50 -19.57 17.20
N ALA B 200 -15.05 -18.37 17.51
CA ALA B 200 -13.64 -18.02 17.40
C ALA B 200 -12.83 -18.30 18.67
N ASP B 201 -11.51 -18.41 18.51
CA ASP B 201 -10.57 -18.51 19.64
C ASP B 201 -10.43 -17.20 20.44
N THR B 202 -9.90 -17.32 21.66
CA THR B 202 -9.64 -16.13 22.49
C THR B 202 -8.43 -15.37 21.98
N PHE B 203 -8.31 -14.11 22.38
CA PHE B 203 -7.20 -13.28 21.91
C PHE B 203 -5.84 -13.89 22.21
N PRO B 204 -5.61 -14.30 23.48
CA PRO B 204 -4.30 -14.89 23.75
C PRO B 204 -4.02 -16.10 22.85
N GLN B 205 -5.07 -16.86 22.51
CA GLN B 205 -4.92 -18.01 21.61
C GLN B 205 -4.51 -17.55 20.22
N VAL B 206 -5.21 -16.53 19.72
CA VAL B 206 -4.92 -15.99 18.40
C VAL B 206 -3.52 -15.40 18.36
N LEU B 207 -3.18 -14.56 19.33
CA LEU B 207 -1.87 -13.91 19.37
C LEU B 207 -0.76 -14.96 19.23
N LYS B 208 -0.79 -15.95 20.11
CA LYS B 208 0.07 -17.13 20.01
C LYS B 208 0.24 -17.63 18.57
N LYS B 209 -0.89 -17.87 17.89
CA LYS B 209 -0.89 -18.33 16.50
C LYS B 209 -0.20 -17.35 15.56
N VAL B 210 -0.47 -16.06 15.75
CA VAL B 210 0.20 -15.03 14.94
C VAL B 210 1.71 -15.08 15.12
N ILE B 211 2.15 -15.19 16.38
CA ILE B 211 3.58 -15.28 16.70
C ILE B 211 4.21 -16.52 16.05
N ASP B 212 3.51 -17.65 16.14
CA ASP B 212 4.00 -18.89 15.56
C ASP B 212 4.17 -18.79 14.05
N LEU B 213 3.22 -18.11 13.39
CA LEU B 213 3.32 -17.82 11.97
C LEU B 213 4.61 -17.08 11.72
N LYS B 215 7.27 -16.80 13.62
CA LYS B 215 8.41 -17.65 13.91
C LYS B 215 8.70 -18.58 12.73
N LEU B 216 7.65 -19.21 12.19
CA LEU B 216 7.77 -20.07 11.02
C LEU B 216 8.42 -19.38 9.86
N LYS B 217 8.07 -18.11 9.64
CA LYS B 217 8.63 -17.35 8.53
C LYS B 217 10.03 -16.87 8.89
N GLU B 218 10.43 -17.08 10.14
CA GLU B 218 11.78 -16.78 10.62
C GLU B 218 12.13 -15.29 10.68
N LEU B 219 11.10 -14.48 10.95
CA LEU B 219 11.21 -13.03 11.13
C LEU B 219 11.98 -12.66 12.39
N GLY B 220 13.01 -11.85 12.25
CA GLY B 220 13.76 -11.36 13.39
C GLY B 220 14.94 -12.23 13.72
N THR B 221 14.94 -13.45 13.19
CA THR B 221 16.07 -14.35 13.32
C THR B 221 16.78 -14.43 11.96
N LYS B 222 16.12 -14.95 10.94
CA LYS B 222 16.71 -14.99 9.61
C LYS B 222 16.48 -13.71 8.84
N TYR B 223 15.33 -13.08 9.05
CA TYR B 223 14.97 -11.89 8.26
C TYR B 223 14.74 -10.65 9.10
N LYS B 224 15.25 -9.53 8.60
CA LYS B 224 15.06 -8.24 9.23
C LYS B 224 13.65 -7.80 8.85
N TYR B 225 12.88 -7.29 9.81
CA TYR B 225 11.48 -6.95 9.53
C TYR B 225 10.94 -5.76 10.32
N SER B 226 9.77 -5.29 9.90
CA SER B 226 9.13 -4.21 10.58
C SER B 226 7.62 -4.42 10.54
N LEU B 227 6.92 -3.92 11.54
CA LEU B 227 5.46 -3.90 11.45
C LEU B 227 5.05 -2.63 10.73
N LEU B 228 3.94 -2.72 10.00
CA LEU B 228 3.35 -1.53 9.41
C LEU B 228 1.84 -1.50 9.64
N THR B 229 1.30 -0.32 9.90
CA THR B 229 -0.13 -0.15 10.12
C THR B 229 -0.62 1.12 9.44
N ASP B 230 -1.93 1.18 9.23
CA ASP B 230 -2.59 2.34 8.65
C ASP B 230 -2.90 3.31 9.78
N GLY B 231 -1.96 4.17 10.15
CA GLY B 231 -2.15 5.05 11.31
C GLY B 231 -1.55 4.51 12.61
N SER B 232 -1.91 5.11 13.74
CA SER B 232 -1.33 4.73 15.03
C SER B 232 -2.28 4.00 15.99
N TRP B 233 -3.56 3.90 15.62
CA TRP B 233 -4.59 3.31 16.47
C TRP B 233 -4.41 1.80 16.79
N ASP B 234 -4.17 0.97 15.77
CA ASP B 234 -4.03 -0.48 15.98
C ASP B 234 -3.04 -0.89 17.07
N SER B 236 -1.29 1.53 19.39
CA SER B 236 -1.37 2.38 20.56
C SER B 236 -2.70 2.27 21.31
N LYS B 237 -3.76 1.94 20.56
CA LYS B 237 -5.09 1.81 21.13
C LYS B 237 -5.52 0.34 21.18
N PHE B 238 -5.82 -0.28 20.04
CA PHE B 238 -6.42 -1.62 20.05
C PHE B 238 -5.62 -2.72 20.74
N LEU B 239 -4.41 -3.00 20.28
CA LEU B 239 -3.53 -3.99 20.92
C LEU B 239 -3.28 -3.63 22.39
N ASN B 240 -3.03 -2.35 22.62
CA ASN B 240 -2.85 -1.81 23.95
C ASN B 240 -3.99 -2.17 24.91
N ILE B 241 -5.23 -1.80 24.58
CA ILE B 241 -6.38 -2.09 25.45
C ILE B 241 -6.50 -3.61 25.58
N GLN B 242 -6.42 -4.30 24.44
CA GLN B 242 -6.63 -5.73 24.38
C GLN B 242 -5.66 -6.51 25.26
N CYS B 243 -4.40 -6.10 25.29
CA CYS B 243 -3.40 -6.77 26.13
C CYS B 243 -3.75 -6.64 27.59
N GLN B 244 -4.25 -5.47 27.96
CA GLN B 244 -4.65 -5.20 29.32
C GLN B 244 -5.85 -6.08 29.66
N LEU B 245 -6.82 -6.11 28.75
CA LEU B 245 -8.03 -6.90 28.96
C LEU B 245 -7.68 -8.36 29.11
N SER B 246 -6.69 -8.81 28.34
CA SER B 246 -6.29 -10.20 28.33
C SER B 246 -5.25 -10.56 29.39
N ARG B 247 -4.85 -9.58 30.21
CA ARG B 247 -3.85 -9.79 31.27
C ARG B 247 -2.48 -10.20 30.72
N LEU B 248 -2.14 -9.67 29.55
CA LEU B 248 -0.85 -9.90 28.93
C LEU B 248 0.02 -8.66 28.98
N LYS B 249 1.32 -8.84 29.19
CA LYS B 249 2.25 -7.76 28.94
C LYS B 249 2.17 -7.39 27.45
N TYR B 250 2.36 -6.11 27.13
CA TYR B 250 2.41 -5.66 25.74
C TYR B 250 3.64 -6.22 25.05
N PRO B 251 3.45 -6.89 23.91
CA PRO B 251 4.58 -7.58 23.30
C PRO B 251 5.62 -6.59 22.82
N PRO B 252 6.87 -6.66 23.37
CA PRO B 252 8.00 -5.85 22.92
C PRO B 252 8.11 -5.67 21.40
N PHE B 253 7.92 -6.73 20.63
CA PHE B 253 8.11 -6.62 19.19
C PHE B 253 7.10 -5.69 18.54
N ALA B 254 6.14 -5.19 19.32
CA ALA B 254 5.07 -4.38 18.74
C ALA B 254 5.10 -2.93 19.20
N LYS B 255 6.18 -2.57 19.89
CA LYS B 255 6.32 -1.23 20.43
C LYS B 255 6.79 -0.20 19.41
N LYS B 256 7.13 -0.63 18.20
CA LYS B 256 7.67 0.26 17.15
C LYS B 256 7.10 -0.16 15.81
N TRP B 257 6.81 0.80 14.93
CA TRP B 257 6.19 0.45 13.65
C TRP B 257 6.20 1.56 12.61
N ILE B 258 5.91 1.17 11.36
CA ILE B 258 5.71 2.13 10.29
C ILE B 258 4.24 2.51 10.24
N ASN B 259 3.95 3.74 10.64
CA ASN B 259 2.66 4.35 10.37
C ASN B 259 2.68 4.81 8.93
N ILE B 260 1.91 4.13 8.08
CA ILE B 260 1.99 4.40 6.66
C ILE B 260 1.32 5.71 6.26
N ARG B 261 0.30 6.13 7.00
CA ARG B 261 -0.34 7.41 6.76
C ARG B 261 0.70 8.48 6.92
N LYS B 262 1.50 8.34 7.96
CA LYS B 262 2.52 9.31 8.28
C LYS B 262 3.55 9.29 7.16
N SER B 263 3.95 8.09 6.74
CA SER B 263 4.91 7.94 5.67
C SER B 263 4.43 8.61 4.39
N TYR B 264 3.22 8.23 3.97
CA TYR B 264 2.57 8.77 2.78
C TYR B 264 2.59 10.30 2.78
N GLY B 265 2.10 10.87 3.89
CA GLY B 265 1.99 12.31 4.07
C GLY B 265 3.29 13.02 3.83
N ASN B 266 4.37 12.50 4.42
CA ASN B 266 5.70 13.11 4.27
C ASN B 266 6.26 12.99 2.89
N PHE B 267 6.25 11.79 2.35
CA PHE B 267 6.87 11.52 1.06
C PHE B 267 6.16 12.28 -0.04
N TYR B 268 4.83 12.20 -0.07
CA TYR B 268 4.07 12.80 -1.16
C TYR B 268 3.67 14.21 -0.84
N LYS B 269 3.99 14.63 0.39
CA LYS B 269 3.77 16.01 0.86
C LYS B 269 2.30 16.40 0.71
N VAL B 270 1.44 15.77 1.51
CA VAL B 270 0.01 16.07 1.53
C VAL B 270 -0.50 16.08 2.98
N PRO B 271 -1.51 16.92 3.28
CA PRO B 271 -2.06 16.98 4.63
C PRO B 271 -2.73 15.66 5.06
N ARG B 272 -3.10 15.59 6.34
CA ARG B 272 -3.75 14.42 6.91
C ARG B 272 -5.08 14.14 6.21
N SER B 273 -5.80 15.21 5.82
CA SER B 273 -7.05 15.14 5.04
C SER B 273 -6.93 14.18 3.85
N GLN B 274 -5.71 14.08 3.31
CA GLN B 274 -5.45 13.32 2.09
C GLN B 274 -4.91 11.91 2.30
N THR B 275 -4.83 11.44 3.54
CA THR B 275 -4.22 10.13 3.78
C THR B 275 -5.21 9.06 4.26
N LYS B 276 -6.50 9.37 4.20
CA LYS B 276 -7.55 8.34 4.35
C LYS B 276 -7.27 7.26 3.32
N LEU B 277 -7.42 6.00 3.71
CA LEU B 277 -7.02 4.88 2.87
C LEU B 277 -7.53 4.98 1.42
N THR B 278 -8.83 5.27 1.26
CA THR B 278 -9.38 5.30 -0.09
C THR B 278 -8.79 6.44 -0.94
N ILE B 279 -8.36 7.53 -0.30
CA ILE B 279 -7.75 8.63 -1.04
C ILE B 279 -6.31 8.32 -1.44
N LEU B 281 -5.09 5.48 -2.20
CA LEU B 281 -5.23 4.62 -3.38
C LEU B 281 -5.60 5.43 -4.59
N GLU B 282 -6.68 6.20 -4.45
CA GLU B 282 -7.19 7.06 -5.49
C GLU B 282 -6.07 7.87 -6.16
N LYS B 283 -5.32 8.61 -5.35
CA LYS B 283 -4.30 9.53 -5.83
C LYS B 283 -3.15 8.81 -6.53
N LEU B 284 -2.97 7.53 -6.23
CA LEU B 284 -1.92 6.72 -6.85
C LEU B 284 -2.44 5.86 -8.00
N GLY B 285 -3.61 6.20 -8.50
CA GLY B 285 -4.22 5.51 -9.63
C GLY B 285 -4.62 4.08 -9.39
N ASP B 287 -7.69 1.33 -7.38
CA ASP B 287 -9.00 1.22 -6.76
C ASP B 287 -8.94 0.28 -5.59
N TYR B 288 -9.92 0.40 -4.69
CA TYR B 288 -10.01 -0.51 -3.56
C TYR B 288 -10.34 -1.93 -4.06
N ASP B 289 -9.57 -2.92 -3.61
CA ASP B 289 -9.87 -4.31 -3.93
C ASP B 289 -10.55 -4.97 -2.75
N GLY B 290 -11.76 -5.46 -2.96
CA GLY B 290 -12.50 -6.16 -1.91
C GLY B 290 -13.42 -5.28 -1.07
N ARG B 291 -13.59 -5.67 0.18
CA ARG B 291 -14.60 -5.13 1.08
C ARG B 291 -13.95 -4.27 2.18
N PRO B 292 -14.32 -2.97 2.24
CA PRO B 292 -13.80 -2.09 3.30
C PRO B 292 -14.17 -2.53 4.72
N HIS B 293 -13.33 -2.17 5.69
CA HIS B 293 -13.47 -2.56 7.11
C HIS B 293 -13.45 -4.07 7.35
N CYS B 294 -13.23 -4.83 6.28
CA CYS B 294 -12.74 -6.19 6.42
C CYS B 294 -11.22 -6.11 6.60
N GLY B 295 -10.75 -6.60 7.74
CA GLY B 295 -9.35 -6.50 8.16
C GLY B 295 -8.34 -6.94 7.12
N LEU B 296 -8.57 -8.13 6.57
CA LEU B 296 -7.65 -8.75 5.62
C LEU B 296 -7.51 -7.91 4.37
N ASP B 297 -8.64 -7.56 3.76
CA ASP B 297 -8.68 -6.71 2.57
C ASP B 297 -8.01 -5.36 2.73
N ASP B 298 -8.20 -4.74 3.89
CA ASP B 298 -7.57 -3.48 4.17
C ASP B 298 -6.08 -3.67 4.24
N SER B 299 -5.67 -4.71 4.96
CA SER B 299 -4.27 -5.10 5.04
C SER B 299 -3.66 -5.32 3.65
N LYS B 300 -4.42 -5.96 2.76
CA LYS B 300 -3.91 -6.20 1.40
C LYS B 300 -3.79 -4.90 0.59
N ASN B 301 -4.78 -4.03 0.69
CA ASN B 301 -4.68 -2.74 0.03
C ASN B 301 -3.55 -1.88 0.63
N ILE B 302 -3.38 -1.91 1.96
CA ILE B 302 -2.26 -1.20 2.58
C ILE B 302 -0.93 -1.63 1.93
N ALA B 303 -0.80 -2.94 1.72
CA ALA B 303 0.41 -3.53 1.14
C ALA B 303 0.61 -3.07 -0.29
N ARG B 304 -0.49 -2.88 -1.02
CA ARG B 304 -0.41 -2.36 -2.38
C ARG B 304 0.20 -0.97 -2.37
N ILE B 305 -0.13 -0.19 -1.34
CA ILE B 305 0.40 1.16 -1.20
C ILE B 305 1.87 1.10 -0.84
N ALA B 306 2.21 0.21 0.09
CA ALA B 306 3.59 0.04 0.52
C ALA B 306 4.47 -0.24 -0.69
N VAL B 307 4.03 -1.18 -1.53
CA VAL B 307 4.79 -1.56 -2.71
C VAL B 307 4.98 -0.36 -3.62
N ARG B 308 3.89 0.36 -3.89
CA ARG B 308 3.99 1.53 -4.73
C ARG B 308 4.98 2.55 -4.18
N LEU B 310 7.55 2.04 -2.26
CA LEU B 310 8.90 1.54 -2.39
C LEU B 310 9.39 1.75 -3.83
N GLN B 311 8.53 1.48 -4.80
CA GLN B 311 8.82 1.75 -6.20
C GLN B 311 9.04 3.22 -6.49
N ASP B 312 8.30 4.09 -5.81
CA ASP B 312 8.49 5.53 -5.99
C ASP B 312 9.77 5.99 -5.29
N GLY B 313 10.46 5.05 -4.67
CA GLY B 313 11.78 5.29 -4.13
C GLY B 313 11.74 5.81 -2.72
N CYS B 314 10.66 5.50 -2.02
CA CYS B 314 10.53 5.82 -0.62
C CYS B 314 10.90 4.60 0.20
N GLU B 315 11.87 4.77 1.07
CA GLU B 315 12.36 3.67 1.89
C GLU B 315 11.63 3.81 3.21
N LEU B 316 10.47 3.15 3.29
CA LEU B 316 9.61 3.24 4.46
C LEU B 316 10.35 2.91 5.74
N ARG B 317 10.36 3.83 6.69
CA ARG B 317 10.98 3.52 7.99
C ARG B 317 10.04 3.62 9.19
N ILE B 318 10.41 2.93 10.26
CA ILE B 318 9.71 2.98 11.53
C ILE B 318 9.68 4.45 11.92
N ASN B 319 8.48 4.98 12.15
CA ASN B 319 8.32 6.39 12.44
C ASN B 319 7.44 6.63 13.66
N GLU B 320 7.13 5.55 14.36
CA GLU B 320 6.17 5.60 15.44
C GLU B 320 6.56 4.56 16.48
N LYS B 321 6.50 4.95 17.73
CA LYS B 321 6.78 4.03 18.83
C LYS B 321 5.93 4.32 20.03
N HIS B 323 6.47 4.36 24.31
CA HIS B 323 7.41 4.25 25.42
C HIS B 323 6.68 4.00 26.73
N ALA B 324 6.29 5.07 27.41
CA ALA B 324 5.73 4.97 28.75
C ALA B 324 4.20 4.89 28.70
N GLY B 325 3.69 4.08 27.78
CA GLY B 325 2.25 4.04 27.50
C GLY B 325 1.85 5.31 26.77
N GLN B 326 2.83 5.93 26.12
CA GLN B 326 2.59 7.12 25.31
C GLN B 326 2.95 6.90 23.83
N LEU B 327 2.67 7.91 23.01
CA LEU B 327 2.88 7.81 21.57
C LEU B 327 3.94 8.81 21.17
N SER B 329 7.09 9.82 18.08
CA SER B 329 7.62 9.58 16.75
C SER B 329 8.98 8.92 16.88
N VAL B 330 9.53 8.51 15.75
CA VAL B 330 10.86 7.93 15.73
C VAL B 330 11.66 8.66 14.67
N SER B 331 12.81 9.20 15.06
CA SER B 331 13.61 10.05 14.19
C SER B 331 13.93 9.41 12.83
N SER B 332 13.84 10.25 11.80
CA SER B 332 14.21 9.87 10.43
C SER B 332 15.70 9.49 10.33
N SER B 333 16.52 10.13 11.16
CA SER B 333 17.97 9.98 11.14
C SER B 333 18.44 8.66 11.76
N LEU B 334 17.70 8.19 12.75
CA LEU B 334 18.10 7.01 13.52
C LEU B 334 18.24 5.82 12.54
N PRO B 335 19.29 4.99 12.69
CA PRO B 335 19.56 3.91 11.73
C PRO B 335 18.39 2.95 11.58
N ILE B 336 18.33 2.25 10.45
CA ILE B 336 17.26 1.27 10.21
C ILE B 336 17.47 -0.01 11.02
N GLU B 337 16.89 -0.05 12.22
CA GLU B 337 17.07 -1.18 13.11
C GLU B 337 15.89 -2.12 12.96
N GLY B 338 16.16 -3.42 13.07
CA GLY B 338 15.14 -4.45 12.94
C GLY B 338 14.28 -4.55 14.18
N THR B 339 13.12 -5.17 14.04
CA THR B 339 12.24 -5.47 15.15
C THR B 339 12.70 -6.78 15.79
N PRO B 340 12.69 -6.87 17.13
CA PRO B 340 13.15 -8.15 17.68
C PRO B 340 12.26 -9.31 17.23
N PRO B 341 12.82 -10.54 17.25
CA PRO B 341 12.01 -11.74 16.99
C PRO B 341 10.85 -11.86 17.98
N PRO B 342 9.62 -12.07 17.48
CA PRO B 342 8.44 -12.08 18.35
C PRO B 342 8.44 -13.22 19.36
N GLN B 343 8.19 -12.90 20.63
CA GLN B 343 7.97 -13.91 21.66
C GLN B 343 6.54 -13.78 22.13
N PRO B 345 4.10 -12.98 24.81
CA PRO B 345 4.30 -12.22 26.05
C PRO B 345 3.79 -12.98 27.28
N HIS B 346 4.34 -12.64 28.44
CA HIS B 346 3.94 -13.32 29.66
C HIS B 346 2.59 -12.81 30.17
N PHE B 347 1.92 -13.67 30.93
CA PHE B 347 0.70 -13.29 31.63
C PHE B 347 1.09 -12.33 32.74
N ARG B 348 0.90 -11.03 32.46
CA ARG B 348 1.25 -9.94 33.37
C ARG B 348 0.37 -10.05 34.61
N LYS B 349 0.88 -10.78 35.60
CA LYS B 349 0.10 -11.22 36.75
C LYS B 349 -0.55 -10.07 37.54
N SER C 125 -24.19 14.30 -38.74
CA SER C 125 -24.00 13.47 -39.96
C SER C 125 -22.96 12.37 -39.71
N TYR C 126 -23.30 11.11 -39.99
CA TYR C 126 -22.41 9.97 -39.69
C TYR C 126 -21.34 9.76 -40.78
N TYR C 127 -20.38 8.85 -40.54
CA TYR C 127 -19.38 8.46 -41.55
C TYR C 127 -20.07 7.75 -42.69
N ASP C 128 -19.48 7.84 -43.89
CA ASP C 128 -19.98 7.08 -45.03
C ASP C 128 -19.27 5.73 -45.10
N TYR C 129 -18.01 5.69 -44.67
CA TYR C 129 -17.25 4.45 -44.73
C TYR C 129 -16.46 4.16 -43.47
N ILE C 130 -16.35 2.88 -43.14
CA ILE C 130 -15.45 2.45 -42.10
C ILE C 130 -14.37 1.62 -42.78
N CYS C 131 -13.12 2.01 -42.58
CA CYS C 131 -12.01 1.34 -43.19
C CYS C 131 -11.35 0.49 -42.10
N ILE C 132 -11.45 -0.83 -42.22
CA ILE C 132 -10.88 -1.74 -41.24
C ILE C 132 -9.50 -2.21 -41.70
N ILE C 133 -8.50 -1.98 -40.86
CA ILE C 133 -7.16 -2.47 -41.10
C ILE C 133 -6.78 -3.19 -39.84
N ASP C 134 -6.22 -4.39 -39.97
CA ASP C 134 -5.63 -5.03 -38.82
C ASP C 134 -4.43 -5.88 -39.27
N PHE C 135 -3.23 -5.48 -38.85
CA PHE C 135 -1.96 -6.01 -39.39
C PHE C 135 -1.53 -7.39 -38.88
N GLU C 136 -0.66 -8.03 -39.63
CA GLU C 136 0.15 -9.11 -39.08
C GLU C 136 1.59 -8.65 -39.10
N ALA C 137 2.36 -9.04 -38.10
CA ALA C 137 3.75 -8.60 -37.97
C ALA C 137 4.69 -9.78 -37.70
N THR C 138 5.99 -9.59 -37.94
CA THR C 138 6.95 -10.57 -37.49
C THR C 138 6.81 -10.71 -35.99
N CYS C 139 7.16 -11.87 -35.45
CA CYS C 139 7.11 -12.05 -34.02
C CYS C 139 7.92 -13.25 -33.58
N GLU C 140 8.00 -13.44 -32.27
CA GLU C 140 8.71 -14.56 -31.72
C GLU C 140 8.06 -15.18 -30.51
N GLU C 141 8.41 -16.45 -30.28
CA GLU C 141 7.79 -17.19 -29.21
C GLU C 141 8.22 -16.62 -27.89
N GLY C 142 7.26 -16.55 -26.97
CA GLY C 142 7.52 -16.00 -25.66
C GLY C 142 7.31 -14.51 -25.68
N ASN C 143 7.13 -13.97 -26.88
CA ASN C 143 6.82 -12.56 -27.07
C ASN C 143 7.88 -11.63 -26.44
N PRO C 144 9.19 -11.80 -26.77
CA PRO C 144 10.24 -11.05 -26.07
C PRO C 144 10.10 -9.53 -26.25
N PRO C 145 10.26 -8.77 -25.15
CA PRO C 145 10.02 -7.32 -25.08
C PRO C 145 10.76 -6.50 -26.14
N GLU C 146 12.05 -6.75 -26.35
CA GLU C 146 12.83 -5.88 -27.22
C GLU C 146 12.93 -6.31 -28.67
N PHE C 147 12.08 -7.24 -29.10
CA PHE C 147 12.10 -7.69 -30.47
C PHE C 147 11.45 -6.61 -31.34
N VAL C 148 12.00 -6.37 -32.51
CA VAL C 148 11.52 -5.29 -33.35
C VAL C 148 10.54 -5.80 -34.39
N HIS C 149 9.25 -5.51 -34.18
CA HIS C 149 8.18 -5.97 -35.06
C HIS C 149 8.20 -5.25 -36.39
N GLU C 150 7.80 -5.96 -37.44
CA GLU C 150 7.63 -5.38 -38.77
C GLU C 150 6.35 -5.89 -39.37
N ILE C 151 5.58 -4.99 -39.98
CA ILE C 151 4.33 -5.38 -40.63
C ILE C 151 4.64 -6.37 -41.75
N ILE C 152 3.97 -7.51 -41.73
CA ILE C 152 4.13 -8.47 -42.82
C ILE C 152 2.85 -8.75 -43.62
N GLU C 153 1.71 -8.32 -43.10
CA GLU C 153 0.45 -8.37 -43.87
C GLU C 153 -0.31 -7.06 -43.72
N PHE C 154 -0.76 -6.49 -44.83
CA PHE C 154 -1.48 -5.23 -44.79
C PHE C 154 -2.83 -5.42 -45.48
N PRO C 155 -3.86 -5.80 -44.71
CA PRO C 155 -5.17 -5.92 -45.33
C PRO C 155 -6.00 -4.64 -45.17
N VAL C 156 -6.89 -4.39 -46.11
CA VAL C 156 -7.85 -3.30 -46.01
C VAL C 156 -9.24 -3.85 -46.28
N VAL C 157 -10.18 -3.46 -45.43
CA VAL C 157 -11.59 -3.83 -45.62
C VAL C 157 -12.46 -2.57 -45.56
N LEU C 158 -13.26 -2.36 -46.60
CA LEU C 158 -14.05 -1.14 -46.74
C LEU C 158 -15.55 -1.40 -46.51
N LEU C 159 -16.05 -0.91 -45.39
CA LEU C 159 -17.45 -1.08 -45.03
C LEU C 159 -18.24 0.19 -45.30
N ASN C 160 -19.23 0.06 -46.19
CA ASN C 160 -20.23 1.09 -46.44
C ASN C 160 -21.22 1.13 -45.28
N THR C 161 -21.25 2.26 -44.56
CA THR C 161 -22.12 2.40 -43.40
C THR C 161 -23.61 2.45 -43.75
N HIS C 162 -23.96 2.97 -44.94
CA HIS C 162 -25.37 3.10 -45.35
C HIS C 162 -25.98 1.78 -45.80
N THR C 163 -25.39 1.14 -46.80
CA THR C 163 -25.86 -0.18 -47.29
C THR C 163 -25.48 -1.29 -46.33
N LEU C 164 -24.60 -0.97 -45.39
CA LEU C 164 -24.13 -1.93 -44.39
C LEU C 164 -23.40 -3.14 -45.00
N GLU C 165 -22.86 -2.94 -46.21
CA GLU C 165 -22.18 -3.98 -46.99
C GLU C 165 -20.64 -3.82 -46.99
N ILE C 166 -19.92 -4.94 -46.88
CA ILE C 166 -18.47 -4.93 -47.08
C ILE C 166 -18.23 -4.79 -48.57
N GLU C 167 -17.72 -3.62 -49.01
CA GLU C 167 -17.60 -3.36 -50.44
C GLU C 167 -16.27 -3.77 -51.06
N ASP C 168 -15.18 -3.66 -50.30
CA ASP C 168 -13.86 -3.96 -50.82
C ASP C 168 -13.01 -4.68 -49.81
N THR C 169 -12.36 -5.74 -50.23
CA THR C 169 -11.35 -6.37 -49.39
C THR C 169 -10.07 -6.42 -50.18
N PHE C 170 -8.98 -6.07 -49.52
CA PHE C 170 -7.69 -5.95 -50.18
C PHE C 170 -6.61 -6.48 -49.29
N GLN C 171 -5.78 -7.37 -49.81
CA GLN C 171 -4.70 -7.91 -49.02
C GLN C 171 -3.37 -7.85 -49.74
N GLN C 172 -2.34 -7.45 -49.01
CA GLN C 172 -0.99 -7.43 -49.53
C GLN C 172 0.03 -7.81 -48.49
N TYR C 173 0.99 -8.65 -48.87
CA TYR C 173 2.08 -9.00 -47.95
C TYR C 173 3.22 -8.01 -48.05
N VAL C 174 3.95 -7.86 -46.95
CA VAL C 174 5.05 -6.91 -46.90
C VAL C 174 6.34 -7.64 -46.56
N ARG C 175 7.41 -7.37 -47.30
CA ARG C 175 8.72 -7.98 -47.03
C ARG C 175 9.46 -7.23 -45.92
N PRO C 176 9.64 -7.89 -44.76
CA PRO C 176 10.41 -7.21 -43.71
C PRO C 176 11.89 -7.10 -44.11
N GLU C 177 12.58 -6.10 -43.57
CA GLU C 177 14.00 -5.85 -43.90
C GLU C 177 14.95 -5.94 -42.71
N ILE C 178 14.43 -5.80 -41.50
CA ILE C 178 15.28 -5.87 -40.32
C ILE C 178 15.47 -7.34 -39.92
N ASN C 179 14.38 -8.02 -39.54
CA ASN C 179 14.44 -9.45 -39.23
C ASN C 179 13.79 -10.23 -40.37
N THR C 180 14.52 -10.39 -41.47
CA THR C 180 13.99 -10.91 -42.73
C THR C 180 13.53 -12.38 -42.69
N GLN C 181 14.00 -13.15 -41.71
CA GLN C 181 13.56 -14.54 -41.60
C GLN C 181 12.42 -14.70 -40.62
N LEU C 182 11.26 -15.09 -41.10
CA LEU C 182 10.15 -15.39 -40.20
C LEU C 182 10.51 -16.53 -39.26
N SER C 183 10.21 -16.38 -37.99
CA SER C 183 10.43 -17.45 -37.02
C SER C 183 9.40 -18.56 -37.28
N ASP C 184 9.72 -19.79 -36.87
CA ASP C 184 8.75 -20.88 -36.96
C ASP C 184 7.47 -20.53 -36.23
N PHE C 185 7.62 -19.87 -35.07
CA PHE C 185 6.48 -19.44 -34.27
C PHE C 185 5.57 -18.55 -35.11
N CYS C 186 6.18 -17.55 -35.73
CA CYS C 186 5.48 -16.63 -36.63
C CYS C 186 4.78 -17.36 -37.77
N ILE C 187 5.55 -18.15 -38.52
CA ILE C 187 5.00 -18.94 -39.63
C ILE C 187 3.81 -19.76 -39.17
N SER C 188 3.97 -20.46 -38.05
CA SER C 188 2.91 -21.26 -37.48
C SER C 188 1.68 -20.43 -37.02
N LEU C 189 1.93 -19.29 -36.37
CA LEU C 189 0.86 -18.44 -35.84
C LEU C 189 0.00 -17.82 -36.93
N THR C 190 0.63 -17.11 -37.86
CA THR C 190 -0.09 -16.30 -38.84
C THR C 190 -0.55 -17.13 -40.02
N GLY C 191 0.26 -18.12 -40.39
CA GLY C 191 0.00 -18.91 -41.57
C GLY C 191 0.87 -18.46 -42.73
N ILE C 192 1.46 -17.28 -42.58
CA ILE C 192 2.31 -16.68 -43.62
C ILE C 192 3.64 -17.42 -43.78
N THR C 193 4.08 -17.62 -45.02
CA THR C 193 5.27 -18.42 -45.28
C THR C 193 6.43 -17.54 -45.72
N GLN C 194 7.67 -18.00 -45.47
CA GLN C 194 8.86 -17.23 -45.83
C GLN C 194 8.83 -16.84 -47.31
N ASP C 195 8.55 -17.82 -48.15
CA ASP C 195 8.45 -17.58 -49.57
C ASP C 195 7.52 -16.40 -49.88
N GLN C 196 6.38 -16.34 -49.20
CA GLN C 196 5.40 -15.27 -49.44
C GLN C 196 5.94 -13.90 -49.14
N VAL C 197 6.65 -13.76 -48.02
CA VAL C 197 7.28 -12.47 -47.67
C VAL C 197 8.53 -12.19 -48.50
N ASP C 198 9.27 -13.24 -48.89
CA ASP C 198 10.42 -13.09 -49.78
C ASP C 198 10.01 -12.41 -51.08
N ARG C 199 8.80 -12.68 -51.55
CA ARG C 199 8.37 -12.22 -52.84
C ARG C 199 7.53 -10.94 -52.79
N ALA C 200 7.38 -10.37 -51.60
CA ALA C 200 6.54 -9.19 -51.38
C ALA C 200 7.22 -7.85 -51.68
N ASP C 201 6.42 -6.81 -51.88
CA ASP C 201 6.90 -5.44 -51.95
C ASP C 201 7.37 -4.94 -50.58
N THR C 202 8.05 -3.78 -50.56
CA THR C 202 8.44 -3.15 -49.29
C THR C 202 7.26 -2.38 -48.70
N PHE C 203 7.38 -2.05 -47.41
CA PHE C 203 6.29 -1.39 -46.73
C PHE C 203 5.84 -0.09 -47.43
N PRO C 204 6.81 0.77 -47.81
CA PRO C 204 6.40 1.99 -48.49
C PRO C 204 5.64 1.71 -49.79
N GLN C 205 6.06 0.70 -50.54
CA GLN C 205 5.39 0.36 -51.80
C GLN C 205 3.97 -0.13 -51.53
N VAL C 206 3.81 -0.90 -50.46
CA VAL C 206 2.51 -1.42 -50.09
C VAL C 206 1.60 -0.29 -49.61
N LEU C 207 2.09 0.56 -48.72
CA LEU C 207 1.32 1.69 -48.22
C LEU C 207 0.83 2.57 -49.36
N LYS C 208 1.72 2.87 -50.31
CA LYS C 208 1.37 3.59 -51.53
C LYS C 208 0.14 2.98 -52.21
N LYS C 209 0.19 1.66 -52.40
CA LYS C 209 -0.90 0.92 -53.03
C LYS C 209 -2.19 1.00 -52.22
N VAL C 210 -2.06 0.95 -50.89
CA VAL C 210 -3.19 1.10 -50.00
C VAL C 210 -3.82 2.49 -50.14
N ILE C 211 -2.99 3.53 -50.09
CA ILE C 211 -3.42 4.92 -50.28
C ILE C 211 -4.16 5.06 -51.61
N ASP C 212 -3.54 4.60 -52.69
CA ASP C 212 -4.12 4.63 -54.03
C ASP C 212 -5.51 4.01 -54.01
N LEU C 213 -5.67 2.93 -53.27
CA LEU C 213 -6.97 2.29 -53.15
C LEU C 213 -7.99 3.24 -52.52
N LYS C 215 -7.90 6.45 -52.28
CA LYS C 215 -8.11 7.57 -53.19
C LYS C 215 -9.09 7.17 -54.28
N LEU C 216 -8.91 5.95 -54.79
CA LEU C 216 -9.77 5.42 -55.84
C LEU C 216 -11.20 5.27 -55.34
N LYS C 217 -11.35 4.95 -54.07
CA LYS C 217 -12.66 4.85 -53.45
C LYS C 217 -13.16 6.21 -52.94
N GLU C 218 -12.31 7.23 -53.12
CA GLU C 218 -12.64 8.64 -52.81
C GLU C 218 -12.98 8.95 -51.35
N LEU C 219 -12.34 8.19 -50.45
CA LEU C 219 -12.41 8.40 -49.00
C LEU C 219 -11.79 9.73 -48.62
N GLY C 220 -12.54 10.53 -47.88
CA GLY C 220 -12.03 11.80 -47.40
C GLY C 220 -12.40 12.94 -48.30
N THR C 221 -12.44 12.71 -49.61
CA THR C 221 -12.84 13.77 -50.54
C THR C 221 -14.35 13.74 -50.72
N LYS C 222 -14.87 12.66 -51.27
CA LYS C 222 -16.30 12.54 -51.54
C LYS C 222 -17.02 11.94 -50.33
N TYR C 223 -16.41 10.93 -49.69
CA TYR C 223 -17.04 10.23 -48.57
C TYR C 223 -16.36 10.48 -47.23
N LYS C 224 -17.18 10.79 -46.23
CA LYS C 224 -16.71 10.92 -44.86
C LYS C 224 -16.40 9.50 -44.37
N TYR C 225 -15.27 9.32 -43.72
CA TYR C 225 -14.84 7.96 -43.35
C TYR C 225 -14.05 7.93 -42.05
N SER C 226 -13.78 6.73 -41.56
CA SER C 226 -13.03 6.55 -40.33
C SER C 226 -12.24 5.24 -40.34
N LEU C 227 -11.15 5.20 -39.59
CA LEU C 227 -10.43 3.94 -39.39
C LEU C 227 -11.00 3.18 -38.22
N LEU C 228 -11.07 1.86 -38.37
CA LEU C 228 -11.47 0.98 -37.29
C LEU C 228 -10.47 -0.14 -37.14
N THR C 229 -10.18 -0.50 -35.90
CA THR C 229 -9.06 -1.35 -35.59
C THR C 229 -9.45 -2.28 -34.43
N ASP C 230 -8.87 -3.47 -34.41
CA ASP C 230 -9.17 -4.42 -33.34
C ASP C 230 -8.16 -4.23 -32.22
N GLY C 231 -8.49 -3.36 -31.25
CA GLY C 231 -7.52 -3.00 -30.23
C GLY C 231 -6.85 -1.66 -30.49
N SER C 232 -5.62 -1.49 -30.02
CA SER C 232 -4.90 -0.23 -30.24
C SER C 232 -3.48 -0.43 -30.74
N TRP C 233 -3.05 -1.68 -30.73
CA TRP C 233 -1.73 -2.07 -31.21
C TRP C 233 -1.47 -1.76 -32.68
N ASP C 234 -2.41 -2.10 -33.56
CA ASP C 234 -2.26 -1.87 -35.01
C ASP C 234 -1.75 -0.47 -35.39
N SER C 236 -0.96 2.26 -32.85
CA SER C 236 -0.01 2.80 -31.89
C SER C 236 1.28 2.01 -31.69
N LYS C 237 1.28 0.75 -32.12
CA LYS C 237 2.49 -0.06 -32.00
C LYS C 237 3.04 -0.44 -33.37
N PHE C 238 2.27 -1.16 -34.16
CA PHE C 238 2.77 -1.69 -35.42
C PHE C 238 3.06 -0.65 -36.48
N LEU C 239 2.06 0.13 -36.88
CA LEU C 239 2.26 1.16 -37.91
C LEU C 239 3.31 2.18 -37.44
N ASN C 240 3.17 2.58 -36.19
CA ASN C 240 4.12 3.40 -35.50
C ASN C 240 5.57 2.92 -35.67
N ILE C 241 5.86 1.69 -35.24
CA ILE C 241 7.22 1.18 -35.32
C ILE C 241 7.67 1.10 -36.77
N GLN C 242 6.76 0.63 -37.63
CA GLN C 242 7.04 0.50 -39.05
C GLN C 242 7.40 1.83 -39.71
N CYS C 243 6.67 2.89 -39.39
CA CYS C 243 6.94 4.16 -40.01
C CYS C 243 8.31 4.66 -39.66
N GLN C 244 8.75 4.37 -38.44
CA GLN C 244 10.09 4.73 -38.03
C GLN C 244 11.08 3.91 -38.83
N LEU C 245 10.83 2.61 -38.92
CA LEU C 245 11.76 1.70 -39.60
C LEU C 245 11.93 2.06 -41.07
N SER C 246 10.85 2.44 -41.73
CA SER C 246 10.91 2.79 -43.13
C SER C 246 11.24 4.26 -43.36
N ARG C 247 11.44 5.00 -42.28
CA ARG C 247 11.75 6.43 -42.34
C ARG C 247 10.67 7.24 -43.06
N LEU C 248 9.41 6.88 -42.82
CA LEU C 248 8.27 7.66 -43.29
C LEU C 248 7.72 8.47 -42.14
N LYS C 249 7.25 9.68 -42.42
CA LYS C 249 6.40 10.41 -41.49
C LYS C 249 5.19 9.51 -41.19
N TYR C 250 4.69 9.54 -39.95
CA TYR C 250 3.45 8.83 -39.62
C TYR C 250 2.29 9.49 -40.38
N PRO C 251 1.53 8.70 -41.14
CA PRO C 251 0.47 9.29 -41.96
C PRO C 251 -0.61 9.94 -41.10
N PRO C 252 -0.87 11.25 -41.31
CA PRO C 252 -1.90 11.93 -40.51
C PRO C 252 -3.23 11.20 -40.45
N PHE C 253 -3.69 10.67 -41.58
CA PHE C 253 -4.98 9.99 -41.61
C PHE C 253 -5.10 8.86 -40.60
N ALA C 254 -3.98 8.33 -40.12
CA ALA C 254 -4.03 7.20 -39.18
C ALA C 254 -3.71 7.57 -37.71
N LYS C 255 -3.86 8.84 -37.37
CA LYS C 255 -3.58 9.32 -36.02
C LYS C 255 -4.77 9.17 -35.07
N LYS C 256 -5.94 8.87 -35.61
CA LYS C 256 -7.18 8.71 -34.86
C LYS C 256 -7.93 7.51 -35.40
N TRP C 257 -8.62 6.76 -34.55
CA TRP C 257 -9.35 5.59 -35.03
C TRP C 257 -10.40 5.10 -34.04
N ILE C 258 -11.32 4.28 -34.53
CA ILE C 258 -12.24 3.54 -33.66
C ILE C 258 -11.58 2.25 -33.25
N ASN C 259 -11.36 2.11 -31.96
CA ASN C 259 -10.99 0.84 -31.38
C ASN C 259 -12.27 0.01 -31.06
N ILE C 260 -12.57 -0.96 -31.91
CA ILE C 260 -13.78 -1.78 -31.77
C ILE C 260 -13.89 -2.50 -30.41
N ARG C 261 -12.75 -2.82 -29.81
CA ARG C 261 -12.75 -3.54 -28.54
C ARG C 261 -13.27 -2.64 -27.43
N LYS C 262 -12.83 -1.38 -27.44
CA LYS C 262 -13.29 -0.40 -26.47
C LYS C 262 -14.79 -0.11 -26.65
N SER C 263 -15.23 -0.01 -27.91
CA SER C 263 -16.64 0.22 -28.25
C SER C 263 -17.55 -0.92 -27.77
N TYR C 264 -17.13 -2.15 -28.06
CA TYR C 264 -17.85 -3.35 -27.65
C TYR C 264 -17.99 -3.37 -26.14
N GLY C 265 -16.84 -3.24 -25.47
CA GLY C 265 -16.79 -3.22 -24.01
C GLY C 265 -17.73 -2.19 -23.42
N ASN C 266 -17.84 -1.03 -24.09
CA ASN C 266 -18.68 0.05 -23.60
C ASN C 266 -20.16 -0.09 -23.94
N PHE C 267 -20.47 -0.46 -25.18
CA PHE C 267 -21.85 -0.61 -25.60
C PHE C 267 -22.52 -1.82 -24.94
N TYR C 268 -21.83 -2.95 -24.94
CA TYR C 268 -22.38 -4.20 -24.40
C TYR C 268 -22.04 -4.41 -22.93
N LYS C 269 -21.19 -3.53 -22.40
CA LYS C 269 -20.84 -3.51 -20.96
C LYS C 269 -20.25 -4.84 -20.48
N VAL C 270 -19.08 -5.15 -21.03
CA VAL C 270 -18.26 -6.30 -20.65
C VAL C 270 -16.82 -5.86 -20.33
N PRO C 271 -16.11 -6.59 -19.46
CA PRO C 271 -14.69 -6.27 -19.20
C PRO C 271 -13.83 -6.50 -20.43
N ARG C 272 -12.83 -5.65 -20.65
CA ARG C 272 -12.00 -5.76 -21.86
C ARG C 272 -11.33 -7.11 -22.04
N SER C 273 -11.33 -7.91 -20.97
CA SER C 273 -10.99 -9.31 -21.02
C SER C 273 -11.81 -10.13 -22.02
N GLN C 274 -13.07 -9.75 -22.21
CA GLN C 274 -13.99 -10.51 -23.04
C GLN C 274 -14.31 -9.80 -24.35
N THR C 275 -13.34 -9.01 -24.80
CA THR C 275 -13.40 -8.33 -26.07
C THR C 275 -12.38 -8.93 -27.04
N LYS C 276 -11.79 -10.07 -26.66
CA LYS C 276 -11.00 -10.87 -27.59
C LYS C 276 -11.92 -11.25 -28.73
N LEU C 277 -11.39 -11.23 -29.94
CA LEU C 277 -12.18 -11.41 -31.15
C LEU C 277 -13.09 -12.65 -31.14
N THR C 278 -12.57 -13.80 -30.70
CA THR C 278 -13.38 -15.02 -30.70
C THR C 278 -14.59 -14.86 -29.77
N ILE C 279 -14.35 -14.27 -28.60
CA ILE C 279 -15.40 -14.06 -27.60
C ILE C 279 -16.45 -13.06 -28.08
N LEU C 281 -17.54 -12.53 -30.96
CA LEU C 281 -18.42 -13.19 -31.92
C LEU C 281 -19.40 -14.18 -31.25
N GLU C 282 -18.88 -14.99 -30.34
CA GLU C 282 -19.68 -15.99 -29.64
C GLU C 282 -20.79 -15.32 -28.87
N LYS C 283 -20.46 -14.29 -28.10
CA LYS C 283 -21.45 -13.60 -27.27
C LYS C 283 -22.54 -12.91 -28.09
N LEU C 284 -22.27 -12.66 -29.37
CA LEU C 284 -23.27 -12.08 -30.27
C LEU C 284 -23.89 -13.12 -31.21
N GLY C 285 -23.56 -14.38 -30.98
CA GLY C 285 -24.10 -15.50 -31.74
C GLY C 285 -23.67 -15.49 -33.19
N ASP C 287 -21.03 -16.54 -36.33
CA ASP C 287 -20.05 -17.50 -36.82
C ASP C 287 -18.67 -16.88 -36.84
N TYR C 288 -17.65 -17.67 -36.51
CA TYR C 288 -16.26 -17.25 -36.77
C TYR C 288 -15.83 -17.84 -38.09
N ASP C 289 -15.70 -17.02 -39.12
CA ASP C 289 -15.18 -17.56 -40.37
C ASP C 289 -13.77 -17.10 -40.70
N GLY C 290 -12.99 -18.03 -41.24
CA GLY C 290 -11.58 -17.80 -41.57
C GLY C 290 -10.58 -18.32 -40.56
N ARG C 291 -9.32 -17.92 -40.78
CA ARG C 291 -8.20 -18.32 -39.97
C ARG C 291 -7.85 -17.22 -38.96
N PRO C 292 -7.63 -17.60 -37.68
CA PRO C 292 -7.02 -16.66 -36.74
C PRO C 292 -5.62 -16.21 -37.15
N HIS C 293 -5.29 -14.97 -36.79
CA HIS C 293 -3.98 -14.32 -37.09
C HIS C 293 -3.63 -14.24 -38.58
N CYS C 294 -4.67 -14.32 -39.41
CA CYS C 294 -4.58 -13.94 -40.79
C CYS C 294 -5.27 -12.57 -40.88
N GLY C 295 -4.51 -11.54 -41.26
CA GLY C 295 -4.99 -10.16 -41.26
C GLY C 295 -6.31 -9.94 -41.99
N LEU C 296 -6.41 -10.48 -43.20
CA LEU C 296 -7.60 -10.30 -44.00
C LEU C 296 -8.84 -10.92 -43.35
N ASP C 297 -8.69 -12.18 -42.92
CA ASP C 297 -9.77 -12.90 -42.25
C ASP C 297 -10.18 -12.19 -40.96
N ASP C 298 -9.19 -11.73 -40.20
CA ASP C 298 -9.46 -11.03 -38.97
C ASP C 298 -10.18 -9.73 -39.27
N SER C 299 -9.63 -8.97 -40.23
CA SER C 299 -10.27 -7.74 -40.68
C SER C 299 -11.70 -7.95 -41.12
N LYS C 300 -11.97 -9.04 -41.83
CA LYS C 300 -13.34 -9.34 -42.26
C LYS C 300 -14.27 -9.61 -41.08
N ASN C 301 -13.78 -10.39 -40.13
CA ASN C 301 -14.54 -10.68 -38.90
C ASN C 301 -14.87 -9.40 -38.12
N ILE C 302 -13.86 -8.56 -37.93
CA ILE C 302 -14.02 -7.26 -37.25
C ILE C 302 -15.12 -6.48 -37.95
N ALA C 303 -15.05 -6.44 -39.29
CA ALA C 303 -16.01 -5.69 -40.09
C ALA C 303 -17.43 -6.19 -39.86
N ARG C 304 -17.58 -7.50 -39.71
CA ARG C 304 -18.88 -8.11 -39.49
C ARG C 304 -19.47 -7.69 -38.14
N ILE C 305 -18.61 -7.53 -37.13
CA ILE C 305 -19.03 -7.09 -35.81
C ILE C 305 -19.47 -5.62 -35.87
N ALA C 306 -18.72 -4.82 -36.63
CA ALA C 306 -19.06 -3.41 -36.82
C ALA C 306 -20.47 -3.29 -37.41
N VAL C 307 -20.79 -4.20 -38.34
CA VAL C 307 -22.11 -4.26 -38.96
C VAL C 307 -23.14 -4.60 -37.89
N ARG C 308 -22.84 -5.63 -37.11
CA ARG C 308 -23.73 -6.03 -36.05
C ARG C 308 -23.99 -4.87 -35.09
N LEU C 310 -23.66 -1.60 -35.42
CA LEU C 310 -24.46 -0.52 -36.00
C LEU C 310 -25.91 -0.95 -36.05
N GLN C 311 -26.17 -2.16 -36.51
CA GLN C 311 -27.51 -2.74 -36.50
C GLN C 311 -28.13 -2.73 -35.11
N ASP C 312 -27.30 -2.92 -34.08
CA ASP C 312 -27.77 -2.91 -32.69
C ASP C 312 -27.92 -1.51 -32.13
N GLY C 313 -27.68 -0.51 -32.96
CA GLY C 313 -27.91 0.89 -32.60
C GLY C 313 -26.74 1.61 -31.96
N CYS C 314 -25.55 1.02 -32.09
CA CYS C 314 -24.39 1.62 -31.49
C CYS C 314 -23.73 2.53 -32.51
N GLU C 315 -23.64 3.80 -32.18
CA GLU C 315 -23.01 4.76 -33.08
C GLU C 315 -21.49 4.76 -32.89
N LEU C 316 -20.81 3.84 -33.58
CA LEU C 316 -19.36 3.72 -33.52
C LEU C 316 -18.64 5.00 -33.91
N ARG C 317 -17.70 5.43 -33.09
CA ARG C 317 -16.97 6.66 -33.35
C ARG C 317 -15.51 6.61 -32.89
N ILE C 318 -14.68 7.46 -33.49
CA ILE C 318 -13.29 7.66 -33.07
C ILE C 318 -13.25 7.74 -31.54
N ASN C 319 -12.39 6.92 -30.96
CA ASN C 319 -12.30 6.83 -29.50
C ASN C 319 -10.87 6.70 -28.97
N GLU C 320 -9.91 6.70 -29.89
CA GLU C 320 -8.49 6.63 -29.54
C GLU C 320 -7.68 7.43 -30.53
N LYS C 321 -6.58 8.01 -30.06
CA LYS C 321 -5.68 8.77 -30.92
C LYS C 321 -4.23 8.71 -30.47
N HIS C 323 -0.89 10.98 -29.94
CA HIS C 323 -0.40 12.33 -29.74
C HIS C 323 0.92 12.20 -29.02
N ALA C 324 1.98 12.72 -29.66
CA ALA C 324 3.32 12.74 -29.07
C ALA C 324 3.81 11.34 -28.74
N GLY C 325 3.53 10.39 -29.65
CA GLY C 325 3.92 8.99 -29.48
C GLY C 325 3.29 8.34 -28.26
N GLN C 326 2.22 8.95 -27.79
CA GLN C 326 1.47 8.46 -26.66
C GLN C 326 0.06 8.04 -27.12
N LEU C 327 -0.50 7.04 -26.47
CA LEU C 327 -1.84 6.57 -26.76
C LEU C 327 -2.79 7.39 -25.92
N SER C 329 -7.08 8.69 -25.13
CA SER C 329 -8.51 8.54 -25.26
C SER C 329 -9.10 9.68 -26.06
N VAL C 330 -10.17 9.41 -26.81
CA VAL C 330 -10.95 10.47 -27.45
C VAL C 330 -12.37 10.48 -26.88
N SER C 331 -12.73 11.60 -26.25
CA SER C 331 -14.06 11.81 -25.68
C SER C 331 -15.15 11.49 -26.70
N SER C 332 -16.04 10.58 -26.32
CA SER C 332 -17.09 10.11 -27.22
C SER C 332 -18.18 11.19 -27.39
N SER C 333 -18.11 12.23 -26.56
CA SER C 333 -19.12 13.28 -26.55
C SER C 333 -18.73 14.51 -27.37
N LEU C 334 -17.81 14.38 -28.32
CA LEU C 334 -17.56 15.48 -29.25
C LEU C 334 -17.99 15.13 -30.66
N PRO C 335 -18.44 16.14 -31.44
CA PRO C 335 -19.06 15.93 -32.75
C PRO C 335 -18.26 14.99 -33.67
N ILE C 336 -19.01 14.21 -34.44
CA ILE C 336 -18.48 13.28 -35.44
C ILE C 336 -17.60 14.00 -36.47
N GLU C 337 -16.29 13.78 -36.37
CA GLU C 337 -15.35 14.29 -37.36
C GLU C 337 -14.89 13.17 -38.27
N GLY C 338 -14.91 13.45 -39.58
CA GLY C 338 -14.35 12.55 -40.58
C GLY C 338 -12.86 12.50 -40.43
N THR C 339 -12.21 11.67 -41.24
CA THR C 339 -10.77 11.50 -41.23
C THR C 339 -10.26 12.17 -42.49
N PRO C 340 -9.11 12.89 -42.40
CA PRO C 340 -8.64 13.54 -43.63
C PRO C 340 -8.38 12.54 -44.75
N PRO C 341 -8.55 12.98 -46.01
CA PRO C 341 -8.19 12.14 -47.16
C PRO C 341 -6.73 11.73 -47.06
N PRO C 342 -6.44 10.45 -47.28
CA PRO C 342 -5.09 9.94 -47.07
C PRO C 342 -4.10 10.50 -48.08
N GLN C 343 -2.92 10.90 -47.59
CA GLN C 343 -1.87 11.31 -48.49
C GLN C 343 -0.71 10.34 -48.29
N PRO C 345 2.66 9.72 -47.21
CA PRO C 345 3.57 10.54 -46.42
C PRO C 345 4.95 10.56 -47.05
N HIS C 346 5.69 11.65 -46.79
CA HIS C 346 7.04 11.77 -47.31
C HIS C 346 8.04 10.96 -46.50
N PHE C 347 9.19 10.67 -47.11
CA PHE C 347 10.34 10.16 -46.39
C PHE C 347 10.92 11.28 -45.55
N ARG C 348 11.50 10.93 -44.42
CA ARG C 348 12.21 11.92 -43.61
C ARG C 348 13.70 11.87 -43.95
N LYS C 349 14.47 12.74 -43.29
CA LYS C 349 15.90 12.51 -43.10
C LYS C 349 16.06 11.27 -42.19
N SER D 125 -18.50 33.59 6.90
CA SER D 125 -17.09 33.14 6.61
C SER D 125 -16.24 32.99 7.89
N TYR D 126 -15.27 32.08 7.86
CA TYR D 126 -14.49 31.72 9.05
C TYR D 126 -13.33 32.69 9.28
N TYR D 127 -12.74 32.64 10.48
CA TYR D 127 -11.53 33.42 10.76
C TYR D 127 -10.40 32.99 9.82
N ASP D 128 -9.58 33.95 9.39
CA ASP D 128 -8.37 33.65 8.61
C ASP D 128 -7.23 33.16 9.51
N TYR D 129 -7.18 33.68 10.73
CA TYR D 129 -6.14 33.34 11.68
C TYR D 129 -6.67 32.99 13.05
N ILE D 130 -6.01 32.06 13.71
CA ILE D 130 -6.27 31.83 15.11
C ILE D 130 -5.03 32.20 15.88
N CYS D 131 -5.18 33.11 16.83
CA CYS D 131 -4.07 33.60 17.58
C CYS D 131 -4.01 32.94 18.96
N ILE D 132 -3.00 32.12 19.16
CA ILE D 132 -2.91 31.28 20.35
C ILE D 132 -2.04 31.93 21.40
N ILE D 133 -2.67 32.30 22.50
CA ILE D 133 -1.95 32.89 23.60
C ILE D 133 -2.07 31.94 24.78
N ASP D 134 -0.93 31.68 25.43
CA ASP D 134 -0.87 30.71 26.49
C ASP D 134 0.21 31.09 27.51
N PHE D 135 -0.18 31.78 28.57
CA PHE D 135 0.77 32.32 29.56
C PHE D 135 1.43 31.28 30.48
N GLU D 136 2.60 31.63 31.00
CA GLU D 136 3.13 31.01 32.21
C GLU D 136 3.17 32.08 33.29
N ALA D 137 2.94 31.68 34.53
CA ALA D 137 2.85 32.62 35.64
C ALA D 137 3.71 32.18 36.83
N THR D 138 3.88 33.08 37.80
CA THR D 138 4.56 32.74 39.05
C THR D 138 3.69 31.74 39.83
N CYS D 139 4.32 30.91 40.64
CA CYS D 139 3.59 29.93 41.45
C CYS D 139 4.39 29.50 42.65
N GLU D 140 3.69 28.90 43.60
CA GLU D 140 4.33 28.25 44.76
C GLU D 140 3.97 26.78 44.79
N GLU D 141 4.76 26.01 45.54
CA GLU D 141 4.49 24.61 45.76
C GLU D 141 3.17 24.45 46.50
N GLY D 142 2.41 23.44 46.10
CA GLY D 142 1.12 23.14 46.72
C GLY D 142 0.01 24.07 46.30
N ASN D 143 0.27 24.88 45.27
CA ASN D 143 -0.75 25.75 44.69
C ASN D 143 -1.62 26.46 45.76
N PRO D 144 -1.01 27.38 46.55
CA PRO D 144 -1.80 28.09 47.56
C PRO D 144 -2.81 28.97 46.86
N PRO D 145 -4.05 28.93 47.32
CA PRO D 145 -5.20 29.47 46.59
C PRO D 145 -5.27 30.99 46.61
N GLU D 146 -4.69 31.62 47.62
CA GLU D 146 -4.68 33.08 47.68
C GLU D 146 -3.43 33.75 47.08
N PHE D 147 -2.60 32.97 46.40
CA PHE D 147 -1.37 33.46 45.81
C PHE D 147 -1.62 34.36 44.60
N VAL D 148 -1.00 35.53 44.61
CA VAL D 148 -1.17 36.48 43.53
C VAL D 148 -0.23 36.15 42.38
N HIS D 149 -0.80 35.69 41.27
CA HIS D 149 0.01 35.27 40.13
C HIS D 149 0.44 36.43 39.28
N GLU D 150 1.63 36.32 38.69
CA GLU D 150 2.11 37.30 37.70
C GLU D 150 2.59 36.56 36.47
N ILE D 151 2.18 37.06 35.30
CA ILE D 151 2.59 36.50 34.03
C ILE D 151 4.10 36.65 33.87
N ILE D 152 4.77 35.55 33.56
CA ILE D 152 6.22 35.58 33.29
C ILE D 152 6.57 35.07 31.88
N GLU D 153 5.58 34.65 31.12
CA GLU D 153 5.79 34.33 29.72
C GLU D 153 4.60 34.67 28.87
N PHE D 154 4.84 35.43 27.80
CA PHE D 154 3.78 35.84 26.89
C PHE D 154 4.07 35.39 25.46
N PRO D 155 3.84 34.10 25.15
CA PRO D 155 4.07 33.66 23.78
C PRO D 155 2.87 33.91 22.87
N VAL D 156 3.13 34.00 21.57
CA VAL D 156 2.06 34.14 20.59
C VAL D 156 2.31 33.13 19.46
N VAL D 157 1.25 32.46 19.01
CA VAL D 157 1.36 31.55 17.88
C VAL D 157 0.23 31.84 16.92
N LEU D 158 0.59 32.21 15.70
CA LEU D 158 -0.42 32.48 14.68
C LEU D 158 -0.64 31.28 13.77
N LEU D 159 -1.86 30.77 13.77
CA LEU D 159 -2.23 29.64 12.93
C LEU D 159 -3.05 30.14 11.75
N ASN D 160 -2.57 29.85 10.55
CA ASN D 160 -3.33 30.17 9.36
C ASN D 160 -4.41 29.10 9.17
N THR D 161 -5.67 29.51 9.23
CA THR D 161 -6.79 28.56 9.11
C THR D 161 -6.95 27.99 7.71
N HIS D 162 -6.48 28.72 6.69
CA HIS D 162 -6.59 28.22 5.30
C HIS D 162 -5.52 27.18 4.99
N THR D 163 -4.27 27.48 5.32
CA THR D 163 -3.18 26.55 5.07
C THR D 163 -3.07 25.49 6.16
N LEU D 164 -3.68 25.75 7.30
CA LEU D 164 -3.54 24.89 8.49
C LEU D 164 -2.09 24.76 8.96
N GLU D 165 -1.33 25.84 8.81
CA GLU D 165 0.06 25.87 9.26
C GLU D 165 0.33 27.03 10.23
N ILE D 166 1.17 26.76 11.20
CA ILE D 166 1.69 27.79 12.06
C ILE D 166 2.57 28.70 11.19
N GLU D 167 2.19 29.96 11.09
CA GLU D 167 2.93 30.94 10.31
C GLU D 167 3.92 31.76 11.11
N ASP D 168 3.62 31.98 12.39
CA ASP D 168 4.39 32.89 13.24
C ASP D 168 4.37 32.45 14.69
N THR D 169 5.54 32.49 15.32
CA THR D 169 5.66 32.23 16.74
C THR D 169 6.50 33.34 17.36
N PHE D 170 6.09 33.82 18.53
CA PHE D 170 6.84 34.87 19.25
C PHE D 170 6.94 34.58 20.74
N GLN D 171 8.15 34.31 21.20
CA GLN D 171 8.42 34.10 22.63
C GLN D 171 8.80 35.38 23.29
N GLN D 172 8.26 35.60 24.47
CA GLN D 172 8.58 36.77 25.27
C GLN D 172 8.45 36.45 26.72
N TYR D 173 9.42 36.90 27.50
CA TYR D 173 9.34 36.76 28.94
C TYR D 173 8.89 38.06 29.59
N VAL D 174 8.29 37.95 30.77
CA VAL D 174 7.84 39.13 31.49
C VAL D 174 8.52 39.18 32.85
N ARG D 175 9.04 40.34 33.23
CA ARG D 175 9.61 40.54 34.58
C ARG D 175 8.53 40.88 35.61
N PRO D 176 8.33 39.97 36.60
CA PRO D 176 7.36 40.27 37.64
C PRO D 176 7.90 41.32 38.61
N GLU D 177 7.03 42.23 39.02
CA GLU D 177 7.40 43.31 39.94
C GLU D 177 7.04 42.97 41.39
N ILE D 178 5.87 42.38 41.61
CA ILE D 178 5.40 42.03 42.95
C ILE D 178 6.22 40.89 43.57
N ASN D 179 6.52 39.86 42.78
CA ASN D 179 7.31 38.74 43.22
C ASN D 179 8.57 38.53 42.39
N THR D 180 9.55 39.42 42.56
CA THR D 180 10.79 39.40 41.77
C THR D 180 11.44 38.02 41.72
N GLN D 181 11.51 37.34 42.87
CA GLN D 181 12.11 36.01 42.94
C GLN D 181 11.14 34.92 42.53
N LEU D 182 11.62 34.03 41.67
CA LEU D 182 10.89 32.86 41.27
C LEU D 182 11.17 31.75 42.25
N SER D 183 10.12 31.04 42.66
CA SER D 183 10.29 29.87 43.52
C SER D 183 10.98 28.76 42.73
N ASP D 184 11.63 27.83 43.44
CA ASP D 184 12.21 26.65 42.79
C ASP D 184 11.13 25.87 42.08
N PHE D 185 10.01 25.68 42.75
CA PHE D 185 8.86 24.99 42.18
C PHE D 185 8.47 25.57 40.82
N CYS D 186 8.45 26.89 40.75
CA CYS D 186 8.15 27.60 39.51
C CYS D 186 9.20 27.28 38.44
N ILE D 187 10.47 27.59 38.75
CA ILE D 187 11.59 27.29 37.86
C ILE D 187 11.52 25.85 37.33
N SER D 188 11.38 24.90 38.26
CA SER D 188 11.24 23.48 37.94
C SER D 188 10.06 23.17 37.00
N LEU D 189 8.89 23.74 37.28
CA LEU D 189 7.67 23.40 36.52
C LEU D 189 7.60 24.07 35.15
N THR D 190 8.02 25.32 35.07
CA THR D 190 7.85 26.10 33.84
C THR D 190 9.05 26.00 32.92
N GLY D 191 10.21 25.69 33.50
CA GLY D 191 11.45 25.64 32.74
C GLY D 191 12.15 26.99 32.70
N ILE D 192 11.47 28.03 33.17
CA ILE D 192 11.98 29.40 33.09
C ILE D 192 12.99 29.67 34.20
N THR D 193 14.14 30.25 33.85
CA THR D 193 15.17 30.56 34.85
C THR D 193 15.00 31.95 35.45
N GLN D 194 15.49 32.12 36.67
CA GLN D 194 15.49 33.42 37.31
C GLN D 194 16.10 34.46 36.37
N ASP D 195 17.22 34.10 35.75
CA ASP D 195 17.96 35.01 34.91
C ASP D 195 17.11 35.53 33.76
N GLN D 196 16.46 34.60 33.05
CA GLN D 196 15.54 34.94 31.97
C GLN D 196 14.52 36.03 32.33
N VAL D 197 14.05 36.06 33.57
CA VAL D 197 13.06 37.07 33.97
C VAL D 197 13.71 38.36 34.45
N ASP D 198 14.95 38.28 34.92
CA ASP D 198 15.66 39.47 35.34
C ASP D 198 15.96 40.33 34.12
N ARG D 199 16.14 39.67 32.98
CA ARG D 199 16.44 40.34 31.72
C ARG D 199 15.17 40.85 31.04
N ALA D 200 14.03 40.29 31.39
CA ALA D 200 12.79 40.53 30.66
C ALA D 200 12.25 41.95 30.83
N ASP D 201 11.47 42.40 29.86
CA ASP D 201 10.73 43.66 29.99
C ASP D 201 9.57 43.55 31.00
N THR D 202 9.03 44.69 31.40
CA THR D 202 7.81 44.71 32.21
C THR D 202 6.62 44.27 31.37
N PHE D 203 5.54 43.87 32.04
CA PHE D 203 4.33 43.44 31.32
C PHE D 203 3.76 44.48 30.35
N PRO D 204 3.62 45.75 30.79
CA PRO D 204 3.15 46.74 29.82
C PRO D 204 4.00 46.81 28.55
N GLN D 205 5.33 46.80 28.69
CA GLN D 205 6.24 46.77 27.54
C GLN D 205 6.01 45.51 26.69
N VAL D 206 5.93 44.36 27.33
CA VAL D 206 5.70 43.10 26.62
C VAL D 206 4.37 43.13 25.85
N LEU D 207 3.29 43.53 26.54
CA LEU D 207 1.99 43.70 25.88
C LEU D 207 2.03 44.65 24.68
N LYS D 208 2.74 45.78 24.82
CA LYS D 208 2.93 46.71 23.70
C LYS D 208 3.57 46.00 22.52
N LYS D 209 4.64 45.23 22.79
CA LYS D 209 5.34 44.46 21.78
C LYS D 209 4.39 43.50 21.09
N VAL D 210 3.63 42.74 21.88
CA VAL D 210 2.70 41.75 21.35
C VAL D 210 1.68 42.40 20.42
N ILE D 211 1.15 43.56 20.82
CA ILE D 211 0.18 44.25 20.00
C ILE D 211 0.82 44.75 18.69
N ASP D 212 2.07 45.21 18.78
CA ASP D 212 2.81 45.61 17.59
C ASP D 212 3.01 44.44 16.64
N LEU D 213 3.29 43.26 17.19
CA LEU D 213 3.38 42.04 16.38
C LEU D 213 2.08 41.78 15.62
N LYS D 215 -0.33 43.79 14.85
CA LYS D 215 -0.61 44.85 13.88
C LYS D 215 0.26 44.68 12.66
N LEU D 216 1.50 44.21 12.88
CA LEU D 216 2.46 43.92 11.82
C LEU D 216 1.92 42.84 10.89
N LYS D 217 1.30 41.83 11.49
CA LYS D 217 0.62 40.79 10.74
C LYS D 217 -0.78 41.22 10.29
N GLU D 218 -1.19 42.41 10.74
CA GLU D 218 -2.45 43.06 10.33
C GLU D 218 -3.71 42.25 10.70
N LEU D 219 -3.73 41.75 11.93
CA LEU D 219 -4.91 41.06 12.46
C LEU D 219 -6.00 42.08 12.77
N GLY D 220 -7.22 41.75 12.38
CA GLY D 220 -8.38 42.59 12.67
C GLY D 220 -8.60 43.73 11.71
N THR D 221 -7.60 44.04 10.87
CA THR D 221 -7.76 45.02 9.80
C THR D 221 -7.86 44.33 8.43
N LYS D 222 -6.84 43.55 8.07
CA LYS D 222 -6.85 42.82 6.81
C LYS D 222 -7.42 41.41 6.98
N TYR D 223 -7.08 40.76 8.09
CA TYR D 223 -7.50 39.39 8.34
C TYR D 223 -8.42 39.25 9.53
N LYS D 224 -9.50 38.51 9.33
CA LYS D 224 -10.40 38.14 10.41
C LYS D 224 -9.67 37.14 11.32
N TYR D 225 -9.74 37.37 12.64
CA TYR D 225 -9.03 36.49 13.57
C TYR D 225 -9.78 36.26 14.87
N SER D 226 -9.26 35.33 15.65
CA SER D 226 -9.81 35.00 16.95
C SER D 226 -8.71 34.56 17.90
N LEU D 227 -9.00 34.64 19.19
CA LEU D 227 -8.11 34.16 20.22
C LEU D 227 -8.48 32.75 20.63
N LEU D 228 -7.47 31.96 20.94
CA LEU D 228 -7.69 30.63 21.45
C LEU D 228 -6.70 30.35 22.58
N THR D 229 -7.18 29.79 23.68
CA THR D 229 -6.31 29.45 24.82
C THR D 229 -6.61 28.05 25.34
N ASP D 230 -5.65 27.52 26.07
CA ASP D 230 -5.80 26.19 26.63
C ASP D 230 -6.47 26.33 28.00
N GLY D 231 -7.78 26.56 28.00
CA GLY D 231 -8.52 26.77 29.25
C GLY D 231 -9.01 28.20 29.44
N SER D 232 -9.53 28.50 30.63
CA SER D 232 -10.10 29.81 30.94
C SER D 232 -9.19 30.74 31.75
N TRP D 233 -8.37 30.14 32.61
CA TRP D 233 -7.35 30.83 33.39
C TRP D 233 -6.60 31.94 32.67
N ASP D 234 -6.10 31.69 31.46
CA ASP D 234 -5.25 32.67 30.77
C ASP D 234 -5.87 34.06 30.69
N SER D 236 -9.35 35.04 31.94
CA SER D 236 -10.20 35.38 33.08
C SER D 236 -9.45 35.48 34.41
N LYS D 237 -8.30 34.83 34.49
CA LYS D 237 -7.47 34.93 35.70
C LYS D 237 -6.17 35.68 35.41
N PHE D 238 -5.23 35.02 34.72
CA PHE D 238 -3.88 35.58 34.59
C PHE D 238 -3.83 36.99 34.02
N LEU D 239 -4.35 37.18 32.81
CA LEU D 239 -4.35 38.50 32.18
C LEU D 239 -5.18 39.49 32.97
N ASN D 240 -6.32 39.02 33.45
CA ASN D 240 -7.23 39.83 34.25
C ASN D 240 -6.52 40.43 35.47
N ILE D 241 -5.92 39.57 36.29
CA ILE D 241 -5.18 39.97 37.49
C ILE D 241 -3.98 40.81 37.10
N GLN D 242 -3.32 40.45 36.01
CA GLN D 242 -2.09 41.14 35.64
C GLN D 242 -2.37 42.58 35.24
N CYS D 243 -3.45 42.78 34.50
CA CYS D 243 -3.85 44.11 34.10
C CYS D 243 -4.11 45.00 35.30
N GLN D 244 -4.71 44.41 36.34
CA GLN D 244 -4.95 45.13 37.56
C GLN D 244 -3.60 45.54 38.17
N LEU D 245 -2.70 44.57 38.30
CA LEU D 245 -1.39 44.80 38.92
C LEU D 245 -0.55 45.85 38.20
N SER D 246 -0.65 45.88 36.87
CA SER D 246 0.13 46.81 36.06
C SER D 246 -0.65 48.08 35.79
N ARG D 247 -1.84 48.17 36.36
CA ARG D 247 -2.70 49.35 36.22
C ARG D 247 -3.07 49.64 34.77
N LEU D 248 -3.42 48.58 34.03
CA LEU D 248 -3.86 48.70 32.64
C LEU D 248 -5.34 48.37 32.49
N LYS D 249 -6.03 49.02 31.55
CA LYS D 249 -7.38 48.60 31.22
C LYS D 249 -7.26 47.22 30.60
N TYR D 250 -8.20 46.33 30.89
CA TYR D 250 -8.24 45.05 30.22
C TYR D 250 -8.49 45.28 28.72
N PRO D 251 -7.59 44.77 27.86
CA PRO D 251 -7.63 45.12 26.43
C PRO D 251 -8.91 44.60 25.77
N PRO D 252 -9.73 45.49 25.20
CA PRO D 252 -10.97 45.05 24.56
C PRO D 252 -10.77 43.84 23.65
N PHE D 253 -9.71 43.81 22.84
CA PHE D 253 -9.53 42.68 21.92
C PHE D 253 -9.55 41.31 22.62
N ALA D 254 -9.18 41.27 23.90
CA ALA D 254 -8.96 40.03 24.61
C ALA D 254 -10.17 39.60 25.45
N LYS D 255 -11.32 40.22 25.19
CA LYS D 255 -12.51 39.97 25.99
C LYS D 255 -13.29 38.71 25.60
N LYS D 256 -12.95 38.12 24.45
CA LYS D 256 -13.61 36.92 23.96
C LYS D 256 -12.57 35.98 23.40
N TRP D 257 -12.71 34.68 23.64
CA TRP D 257 -11.72 33.70 23.16
C TRP D 257 -12.35 32.31 22.96
N ILE D 258 -11.62 31.45 22.25
CA ILE D 258 -11.96 30.03 22.18
C ILE D 258 -11.20 29.32 23.28
N ASN D 259 -11.93 28.69 24.20
CA ASN D 259 -11.32 27.78 25.15
C ASN D 259 -11.31 26.36 24.55
N ILE D 260 -10.17 25.99 23.98
CA ILE D 260 -10.05 24.73 23.23
C ILE D 260 -10.36 23.51 24.08
N ARG D 261 -10.02 23.62 25.35
CA ARG D 261 -10.25 22.60 26.35
C ARG D 261 -11.75 22.35 26.44
N LYS D 262 -12.53 23.43 26.33
CA LYS D 262 -13.99 23.34 26.31
C LYS D 262 -14.51 22.89 24.94
N SER D 263 -13.89 23.38 23.86
CA SER D 263 -14.26 22.92 22.51
C SER D 263 -14.13 21.42 22.43
N TYR D 264 -12.93 20.93 22.79
CA TYR D 264 -12.60 19.51 22.77
C TYR D 264 -13.63 18.70 23.55
N GLY D 265 -13.83 19.07 24.82
CA GLY D 265 -14.78 18.41 25.69
C GLY D 265 -16.15 18.23 25.06
N ASN D 266 -16.64 19.31 24.44
CA ASN D 266 -17.96 19.32 23.82
C ASN D 266 -18.03 18.56 22.50
N PHE D 267 -17.01 18.74 21.66
CA PHE D 267 -16.99 18.09 20.37
C PHE D 267 -16.85 16.56 20.48
N TYR D 268 -15.84 16.11 21.22
CA TYR D 268 -15.55 14.69 21.37
C TYR D 268 -16.40 14.05 22.48
N LYS D 269 -17.20 14.87 23.15
CA LYS D 269 -18.18 14.41 24.13
C LYS D 269 -17.56 13.74 25.37
N VAL D 270 -16.44 14.30 25.84
CA VAL D 270 -15.74 13.75 27.01
C VAL D 270 -15.83 14.70 28.21
N PRO D 271 -15.53 14.20 29.43
CA PRO D 271 -15.36 15.12 30.56
C PRO D 271 -14.28 16.18 30.31
N ARG D 272 -14.33 17.29 31.02
CA ARG D 272 -13.28 18.28 30.90
C ARG D 272 -11.98 17.89 31.61
N SER D 273 -12.02 16.84 32.42
CA SER D 273 -10.82 16.25 32.99
C SER D 273 -10.00 15.62 31.85
N GLN D 274 -10.68 14.80 31.04
CA GLN D 274 -10.06 14.11 29.89
C GLN D 274 -9.59 15.04 28.78
N THR D 275 -9.51 16.34 29.06
CA THR D 275 -9.08 17.31 28.06
C THR D 275 -7.77 18.02 28.39
N LYS D 276 -6.95 17.40 29.26
CA LYS D 276 -5.60 17.94 29.52
C LYS D 276 -4.78 18.09 28.22
N LEU D 277 -3.46 18.23 28.29
CA LEU D 277 -2.74 18.41 27.03
C LEU D 277 -2.22 17.08 26.54
N THR D 278 -1.45 16.44 27.41
CA THR D 278 -0.92 15.10 27.19
C THR D 278 -2.01 14.11 26.73
N ILE D 279 -3.19 14.19 27.34
CA ILE D 279 -4.29 13.27 27.00
C ILE D 279 -4.82 13.59 25.61
N LEU D 281 -3.67 14.89 22.93
CA LEU D 281 -2.80 14.45 21.84
C LEU D 281 -2.82 12.94 21.61
N GLU D 282 -2.47 12.18 22.63
CA GLU D 282 -2.52 10.73 22.56
C GLU D 282 -3.89 10.23 22.12
N LYS D 283 -4.95 10.78 22.73
CA LYS D 283 -6.30 10.31 22.48
C LYS D 283 -6.69 10.50 21.02
N LEU D 284 -6.25 11.60 20.43
CA LEU D 284 -6.46 11.85 19.01
C LEU D 284 -5.54 10.99 18.11
N GLY D 285 -4.51 10.39 18.69
CA GLY D 285 -3.58 9.55 17.94
C GLY D 285 -2.39 10.30 17.36
N ASP D 287 1.53 12.23 17.91
CA ASP D 287 2.80 12.03 18.62
C ASP D 287 3.13 13.15 19.60
N TYR D 288 4.13 12.92 20.45
CA TYR D 288 4.62 13.96 21.34
C TYR D 288 6.03 14.42 20.97
N ASP D 289 6.13 15.71 20.70
CA ASP D 289 7.38 16.34 20.28
C ASP D 289 7.80 17.51 21.20
N GLY D 290 9.01 17.41 21.74
CA GLY D 290 9.53 18.37 22.70
C GLY D 290 8.89 18.22 24.07
N ARG D 291 9.73 18.13 25.11
CA ARG D 291 9.32 18.13 26.53
C ARG D 291 8.07 18.99 26.86
N PRO D 292 7.28 18.61 27.90
CA PRO D 292 6.10 19.41 28.27
C PRO D 292 6.44 20.69 29.04
N HIS D 293 5.42 21.54 29.22
CA HIS D 293 5.46 22.75 30.06
C HIS D 293 6.42 23.90 29.68
N CYS D 294 7.15 23.77 28.57
CA CYS D 294 7.65 24.95 27.86
C CYS D 294 6.45 25.61 27.16
N GLY D 295 6.15 26.85 27.54
CA GLY D 295 5.02 27.59 26.96
C GLY D 295 4.94 27.64 25.43
N LEU D 296 6.11 27.61 24.76
CA LEU D 296 6.11 27.62 23.28
C LEU D 296 5.84 26.24 22.69
N ASP D 297 6.50 25.21 23.23
CA ASP D 297 6.13 23.80 22.98
C ASP D 297 4.64 23.57 23.27
N ASP D 298 4.15 24.13 24.37
CA ASP D 298 2.75 24.08 24.75
C ASP D 298 1.83 24.68 23.68
N SER D 299 1.97 25.99 23.49
CA SER D 299 1.26 26.72 22.46
C SER D 299 1.25 26.00 21.11
N LYS D 300 2.41 25.47 20.71
CA LYS D 300 2.53 24.76 19.44
C LYS D 300 1.70 23.48 19.38
N ASN D 301 1.69 22.73 20.48
CA ASN D 301 0.86 21.54 20.56
C ASN D 301 -0.61 21.87 20.54
N ILE D 302 -0.99 22.95 21.19
CA ILE D 302 -2.37 23.43 21.17
C ILE D 302 -2.79 23.71 19.71
N ALA D 303 -1.85 24.22 18.92
CA ALA D 303 -2.12 24.52 17.53
C ALA D 303 -2.32 23.22 16.75
N ARG D 304 -1.46 22.24 17.01
CA ARG D 304 -1.56 20.94 16.38
C ARG D 304 -2.95 20.35 16.63
N ILE D 305 -3.46 20.57 17.85
CA ILE D 305 -4.76 20.04 18.26
C ILE D 305 -5.87 20.77 17.54
N ALA D 306 -5.76 22.09 17.50
CA ALA D 306 -6.70 22.93 16.77
C ALA D 306 -6.82 22.48 15.32
N VAL D 307 -5.68 22.26 14.66
CA VAL D 307 -5.67 21.87 13.26
C VAL D 307 -6.45 20.58 13.08
N ARG D 308 -6.05 19.56 13.82
CA ARG D 308 -6.70 18.26 13.79
C ARG D 308 -8.19 18.35 14.09
N LEU D 310 -10.04 21.07 13.44
CA LEU D 310 -10.62 21.65 12.23
C LEU D 310 -10.80 20.59 11.17
N GLN D 311 -9.79 19.74 11.04
CA GLN D 311 -9.79 18.64 10.06
C GLN D 311 -10.93 17.68 10.35
N ASP D 312 -11.12 17.35 11.63
CA ASP D 312 -12.16 16.44 12.04
C ASP D 312 -13.59 16.97 11.84
N GLY D 313 -13.71 18.18 11.32
CA GLY D 313 -15.02 18.78 11.05
C GLY D 313 -15.60 19.56 12.22
N CYS D 314 -14.75 19.96 13.14
CA CYS D 314 -15.16 20.84 14.22
C CYS D 314 -14.85 22.27 13.80
N GLU D 315 -15.83 23.15 13.98
CA GLU D 315 -15.63 24.55 13.67
C GLU D 315 -15.38 25.31 14.98
N LEU D 316 -14.11 25.38 15.36
CA LEU D 316 -13.69 26.10 16.56
C LEU D 316 -14.20 27.53 16.54
N ARG D 317 -14.96 27.88 17.57
CA ARG D 317 -15.69 29.13 17.59
C ARG D 317 -15.54 29.73 18.99
N ILE D 318 -15.56 31.07 19.06
CA ILE D 318 -15.50 31.75 20.34
C ILE D 318 -16.61 31.19 21.24
N ASN D 319 -16.20 30.61 22.36
CA ASN D 319 -17.13 29.99 23.31
C ASN D 319 -17.03 30.60 24.71
N GLU D 320 -16.24 31.66 24.85
CA GLU D 320 -16.05 32.32 26.15
C GLU D 320 -15.75 33.82 26.08
N LYS D 321 -16.22 34.53 27.11
CA LYS D 321 -16.04 35.98 27.20
C LYS D 321 -16.08 36.48 28.63
N HIS D 323 -17.80 39.86 30.68
CA HIS D 323 -18.61 41.07 30.63
C HIS D 323 -18.19 42.06 31.71
N ALA D 324 -18.74 41.91 32.90
CA ALA D 324 -18.46 42.87 33.97
C ALA D 324 -17.44 42.29 34.93
N GLY D 325 -16.27 41.92 34.41
CA GLY D 325 -15.27 41.19 35.21
C GLY D 325 -15.79 39.82 35.60
N GLN D 326 -16.89 39.43 34.95
CA GLN D 326 -17.61 38.19 35.21
C GLN D 326 -17.38 37.24 34.03
N LEU D 327 -16.93 36.02 34.33
CA LEU D 327 -16.65 35.03 33.27
C LEU D 327 -17.95 34.44 32.74
N SER D 329 -20.18 32.18 29.39
CA SER D 329 -20.29 31.31 28.23
C SER D 329 -20.70 32.14 27.02
N VAL D 330 -20.38 31.66 25.83
CA VAL D 330 -20.86 32.27 24.59
C VAL D 330 -21.56 31.22 23.73
N SER D 331 -22.88 31.38 23.61
CA SER D 331 -23.73 30.51 22.79
C SER D 331 -23.10 30.15 21.44
N SER D 332 -23.09 28.85 21.12
CA SER D 332 -22.51 28.35 19.87
C SER D 332 -23.41 28.57 18.66
N SER D 333 -24.65 28.99 18.92
CA SER D 333 -25.61 29.37 17.87
C SER D 333 -25.27 30.73 17.23
N LEU D 334 -24.60 31.60 17.99
CA LEU D 334 -24.25 32.95 17.53
C LEU D 334 -23.29 32.91 16.32
N PRO D 335 -23.51 33.79 15.33
CA PRO D 335 -22.75 33.79 14.07
C PRO D 335 -21.28 34.20 14.25
N ILE D 336 -20.40 33.68 13.38
CA ILE D 336 -18.94 33.89 13.46
C ILE D 336 -18.56 35.36 13.31
N GLU D 337 -18.11 35.97 14.40
CA GLU D 337 -17.63 37.35 14.39
C GLU D 337 -16.16 37.43 14.69
N GLY D 338 -15.46 38.25 13.92
CA GLY D 338 -14.04 38.48 14.11
C GLY D 338 -13.76 39.27 15.39
N THR D 339 -12.55 39.11 15.90
CA THR D 339 -12.07 39.89 17.02
C THR D 339 -11.56 41.22 16.44
N PRO D 340 -11.88 42.35 17.09
CA PRO D 340 -11.47 43.64 16.55
C PRO D 340 -9.96 43.86 16.55
N PRO D 341 -9.46 44.76 15.68
CA PRO D 341 -8.03 45.03 15.67
C PRO D 341 -7.55 45.42 17.06
N PRO D 342 -6.43 44.82 17.52
CA PRO D 342 -5.89 45.16 18.82
C PRO D 342 -5.34 46.58 18.85
N GLN D 343 -5.37 47.19 20.03
CA GLN D 343 -4.71 48.46 20.28
C GLN D 343 -4.26 48.45 21.72
N PRO D 345 -4.00 49.29 25.40
CA PRO D 345 -4.83 49.93 26.42
C PRO D 345 -4.13 51.05 27.18
N HIS D 346 -4.93 51.97 27.70
CA HIS D 346 -4.42 53.04 28.52
C HIS D 346 -4.07 52.51 29.89
N PHE D 347 -3.28 53.28 30.64
CA PHE D 347 -3.11 53.07 32.06
C PHE D 347 -4.39 53.58 32.73
N ARG D 348 -4.80 52.93 33.82
CA ARG D 348 -5.96 53.39 34.58
C ARG D 348 -5.62 54.65 35.37
N LYS D 349 -6.35 55.72 35.05
CA LYS D 349 -6.19 57.05 35.63
C LYS D 349 -6.47 57.08 37.16
#